data_8KEP
#
_entry.id   8KEP
#
_cell.length_a   1.00
_cell.length_b   1.00
_cell.length_c   1.00
_cell.angle_alpha   90.00
_cell.angle_beta   90.00
_cell.angle_gamma   90.00
#
_symmetry.space_group_name_H-M   'P 1'
#
loop_
_entity.id
_entity.type
_entity.pdbx_description
1 polymer 'PW5-570 heavy chain'
2 polymer 'PW5-570 light chain'
3 polymer 'Spike glycoprotein'
#
loop_
_entity_poly.entity_id
_entity_poly.type
_entity_poly.pdbx_seq_one_letter_code
_entity_poly.pdbx_strand_id
1 'polypeptide(L)'
;QMQLVQSGPEVRKPGTSVKVSCRASVFSFDTSAVQWVRQARGQPLEWIGWIVFGSSNTDYAQKFRDRVTITGDMSTGTAY
MELSSLRSEDTAVYYCAAPHCNRTNCHDGFDIWGQGTVVTVSSTKGPSVFPLAPSSKSTSGGTAALGCLVKDYFPEPVTV
SWNSGALTSGVHTFPAVLQSSGLYSLSSVVTVPSSSLGTQTYICNVNHKPSNTKVDKKVEPKSCDKTHTCPPCPAPELLG
GPSVFLFPPKPKDTLMISRTPEVTCVVVDVSHEDPEVKFNWYVDGVEVHNAKTKPREEQYNSTYRVVSVLTVLHQDWLNG
KEYKCKVSNKALPAPIEKTISKAKGQPREPQVYTLPPSRDELTKNQVSLTCLVKGFYPSDIAVEWESNGQPENNYKTTPP
VLDSDGSFFLYSKLTVDKSRWQQGNVFSCSVLHEALHSHYTQKSLSLSPGK
;
H
2 'polypeptide(L)'
;EIVLTQSPGTLSLSPGERATLSCRASQSVRSGYLGWYQQKPGQAPRLLIYGAYNRATGIPDRFRGSGSGTDFTLTISRLE
PEDFVVYYCQQYDRSPWTFGQGTKVEIKRTVAAPSVFIFPPSDEQLKSGTASVVCLLNNFYPREAKVQWKVDNALQSGNS
QESVTEQDSKDSTYSLSSTLTLSKADYEKHKVYACEVTHQGLSSPVTKSFNRGEC
;
L
3 'polypeptide(L)'
;MFVFLVLLPLVSSQCVNLTTRTQLPPAYTNSFTRGVYYPDKVFRSSVLHSTQDLFLPFFSNVTWFHVISGTNGTKRFDNP
VLPFNDGVYFASIEKSNIIRGWIFGTTLDSKTQSLLIVNNATNVVIKVCEFQFCNDPFLDHKNNKSWMESEFRVYSSANN
CTFEYVSQPFLMDLEGKQGNFKNLREFVFKNIDGYFKIYSKHTPIIVREPEDLPQGFSALEPLVDLPIGINITRFQTLLA
LHRSYLTPGDSSSGWTAGAAAYYVGYLQPRTFLLKYNENGTITDAVDCALDPLSETKCTLKSFTVEKGIYQTSNFRVQPT
ESIVRFPNITNLCPFDEVFNATRFASVYAWNRKRISNCVADYSVLYNLAPFFTFKCYGVSPTKLNDLCFTNVYADSFVIR
GDEVRQIAPGQTGNIADYNYKLPDDFTGCVIAWNSNKLDSKVSGNYNYLYRLFRKSNLKPFERDISTEIYQAGNKPCNGV
AGFNCYFPLRSYSFRPTYGVGHQPYRVVVLSFELLHAPATVCGPKKSTNLVKNKCVNFNFNGLKGTGVLTESNKKFLPFQ
QFGRDIADTTDAVRDPQTLEILDITPCSFGGVSVITPGTNTSNQVAVLYQGVNCTEVPVAIHADQLTPTWRVYSTGSNVF
QTRAGCLIGAEYVNNSYECDIPIGAGICASYQTQTKSHRRARSVASQSIIAYTMSLGAENSVAYSNNSIAIPTNFTISVT
TEILPVSMTKTSVDCTMYICGDSTECSNLLLQYGSFCTQLKRALTGIAVEQDKNTQEVFAQVKQIYKTPPIKYFGGFNFS
QILPDPSKPSKRSFIEDLLFNKVTLADAGFIKQYGDCLGDIAARDLICAQKFKGLTVLPPLLTDEMIAQYTSALLAGTIT
SGWTFGAGAALQIPFAMQMAYRFNGIGVTQNVLYENQKLIANQFNSAIGKIQDSLSSTASALGKLQDVVNHNAQALNTLV
KQLSSKFGAISSVLNDIFSRLDPPEAEVQIDRLITGRLQSLQTYVTQQLIRAAEIRASANLAATKMSECVLGQSKRVDFC
GKGYHLMSFPQSAPHGVVFLHVTYVPAQEKNFTTAPAICHDGKAHFPREGVFVSNGTHWFVTQRNFYEPQIITTDNTFVS
GNCDVVIGIVNNTVYDPLQPELDSFKEELDKYFKNHTSPDVDLGDISGINASVVNIQKEIDRLNEVAKNLNESLIDLQEL
GKYEQGSGYIPEAPRDGQAYVRKDGEWVFLSTFLSGLEVLFQGPGGWSHPQFEKGGGSGGGSGGSAWSHPQFEKGGSHHH
HHHHH
;
A
#
# COMPACT_ATOMS: atom_id res chain seq x y z
N GLN A 1 0.62 -10.61 -16.35
CA GLN A 1 1.47 -9.64 -15.70
C GLN A 1 1.24 -9.66 -14.19
N MET A 2 2.34 -9.61 -13.44
CA MET A 2 2.27 -9.64 -11.98
C MET A 2 1.67 -8.34 -11.46
N GLN A 3 0.45 -8.42 -10.93
CA GLN A 3 -0.25 -7.26 -10.40
C GLN A 3 -0.92 -7.63 -9.09
N LEU A 4 -1.42 -6.61 -8.39
CA LEU A 4 -2.08 -6.78 -7.11
C LEU A 4 -3.53 -6.34 -7.24
N VAL A 5 -4.46 -7.27 -7.04
CA VAL A 5 -5.88 -6.96 -7.14
C VAL A 5 -6.36 -6.41 -5.80
N GLN A 6 -7.30 -5.46 -5.86
CA GLN A 6 -7.79 -4.81 -4.67
C GLN A 6 -9.31 -4.89 -4.59
N SER A 7 -9.91 -4.25 -3.60
CA SER A 7 -11.35 -4.30 -3.40
C SER A 7 -12.03 -3.16 -4.15
N GLY A 8 -13.36 -3.11 -4.06
CA GLY A 8 -14.13 -2.08 -4.73
C GLY A 8 -14.40 -0.89 -3.85
N PRO A 9 -15.09 0.10 -4.39
CA PRO A 9 -15.40 1.31 -3.61
C PRO A 9 -16.41 1.02 -2.52
N GLU A 10 -16.48 1.93 -1.55
CA GLU A 10 -17.38 1.77 -0.42
C GLU A 10 -17.59 3.13 0.23
N VAL A 11 -18.84 3.38 0.63
CA VAL A 11 -19.22 4.62 1.32
C VAL A 11 -19.68 4.26 2.71
N ARG A 12 -19.22 5.02 3.71
CA ARG A 12 -19.52 4.74 5.10
C ARG A 12 -20.03 6.00 5.79
N LYS A 13 -20.53 5.82 7.01
CA LYS A 13 -21.08 6.91 7.81
C LYS A 13 -19.99 7.59 8.63
N PRO A 14 -20.28 8.76 9.21
CA PRO A 14 -19.27 9.43 10.06
C PRO A 14 -19.03 8.71 11.37
N GLY A 15 -18.19 7.67 11.32
CA GLY A 15 -17.84 6.90 12.49
C GLY A 15 -18.30 5.45 12.39
N THR A 16 -17.40 4.59 11.93
CA THR A 16 -17.66 3.16 11.76
C THR A 16 -16.36 2.43 11.47
N SER A 17 -16.46 1.16 11.08
CA SER A 17 -15.30 0.36 10.72
C SER A 17 -15.25 0.19 9.21
N VAL A 18 -14.03 0.10 8.67
CA VAL A 18 -13.82 -0.10 7.25
C VAL A 18 -12.70 -1.13 7.07
N LYS A 19 -12.83 -1.96 6.04
CA LYS A 19 -11.85 -3.02 5.77
C LYS A 19 -11.53 -3.01 4.29
N VAL A 20 -10.24 -2.92 3.96
CA VAL A 20 -9.76 -2.98 2.59
C VAL A 20 -8.74 -4.10 2.47
N SER A 21 -8.87 -4.90 1.42
CA SER A 21 -8.04 -6.08 1.22
C SER A 21 -7.10 -5.87 0.03
N CYS A 22 -6.03 -6.68 0.00
CA CYS A 22 -5.07 -6.65 -1.09
C CYS A 22 -4.52 -8.05 -1.33
N ARG A 23 -5.10 -8.76 -2.29
CA ARG A 23 -4.76 -10.15 -2.55
C ARG A 23 -3.73 -10.25 -3.67
N ALA A 24 -2.78 -11.18 -3.51
CA ALA A 24 -1.73 -11.40 -4.50
C ALA A 24 -1.23 -12.83 -4.35
N SER A 25 -0.37 -13.23 -5.29
CA SER A 25 0.18 -14.59 -5.29
C SER A 25 1.56 -14.67 -4.66
N VAL A 26 2.28 -13.55 -4.54
CA VAL A 26 3.62 -13.57 -3.97
C VAL A 26 3.61 -13.46 -2.45
N PHE A 27 2.44 -13.47 -1.83
CA PHE A 27 2.31 -13.27 -0.39
C PHE A 27 2.35 -14.57 0.40
N SER A 28 3.01 -15.61 -0.11
CA SER A 28 3.06 -16.90 0.58
C SER A 28 4.49 -17.43 0.55
N PHE A 29 5.45 -16.56 0.87
CA PHE A 29 6.85 -16.97 0.84
C PHE A 29 7.60 -16.68 2.14
N ASP A 30 6.91 -16.32 3.23
CA ASP A 30 7.52 -16.14 4.54
C ASP A 30 8.52 -14.99 4.57
N THR A 31 8.65 -14.24 3.47
CA THR A 31 9.60 -13.15 3.36
C THR A 31 8.98 -11.91 2.71
N SER A 32 7.73 -12.01 2.29
CA SER A 32 7.05 -10.93 1.59
C SER A 32 6.71 -9.80 2.54
N ALA A 33 6.58 -8.60 1.97
CA ALA A 33 6.23 -7.41 2.72
C ALA A 33 5.28 -6.57 1.89
N VAL A 34 4.51 -5.71 2.57
CA VAL A 34 3.52 -4.87 1.90
C VAL A 34 3.26 -3.64 2.76
N GLN A 35 3.24 -2.48 2.12
CA GLN A 35 2.95 -1.21 2.78
C GLN A 35 1.62 -0.67 2.28
N TRP A 36 1.13 0.37 2.95
CA TRP A 36 -0.14 1.01 2.62
C TRP A 36 0.05 2.51 2.56
N VAL A 37 -0.33 3.12 1.43
CA VAL A 37 -0.21 4.56 1.23
C VAL A 37 -1.59 5.14 1.02
N ARG A 38 -1.73 6.46 1.20
CA ARG A 38 -3.00 7.14 1.02
C ARG A 38 -2.75 8.49 0.37
N GLN A 39 -3.55 8.81 -0.65
CA GLN A 39 -3.44 10.06 -1.39
C GLN A 39 -4.80 10.70 -1.52
N ALA A 40 -4.93 11.95 -1.06
CA ALA A 40 -6.16 12.70 -1.23
C ALA A 40 -6.14 13.45 -2.55
N ARG A 41 -7.22 14.18 -2.81
CA ARG A 41 -7.35 14.94 -4.05
C ARG A 41 -6.41 16.14 -4.00
N GLY A 42 -5.31 16.07 -4.75
CA GLY A 42 -4.33 17.14 -4.77
C GLY A 42 -3.19 16.95 -3.81
N GLN A 43 -3.50 16.46 -2.60
CA GLN A 43 -2.48 16.26 -1.58
C GLN A 43 -1.56 15.10 -1.95
N PRO A 44 -0.29 15.16 -1.53
CA PRO A 44 0.63 14.06 -1.84
C PRO A 44 0.42 12.82 -0.98
N LEU A 45 1.31 11.85 -1.10
CA LEU A 45 1.23 10.60 -0.36
C LEU A 45 1.39 10.87 1.14
N GLU A 46 0.99 9.89 1.96
CA GLU A 46 0.88 10.16 3.40
C GLU A 46 1.86 9.37 4.27
N TRP A 47 1.85 8.04 4.20
CA TRP A 47 2.51 7.27 5.23
C TRP A 47 3.07 5.93 4.73
N ILE A 48 3.52 5.09 5.67
CA ILE A 48 4.18 3.83 5.35
C ILE A 48 3.25 2.65 5.60
N GLY A 49 2.89 2.41 6.86
CA GLY A 49 2.08 1.27 7.25
C GLY A 49 2.50 -0.06 6.67
N TRP A 50 3.63 -0.60 7.11
CA TRP A 50 4.20 -1.81 6.52
C TRP A 50 4.05 -2.99 7.47
N ILE A 51 4.17 -4.19 6.91
CA ILE A 51 4.03 -5.44 7.65
C ILE A 51 4.80 -6.52 6.90
N VAL A 52 5.42 -7.44 7.64
CA VAL A 52 6.22 -8.52 7.07
C VAL A 52 5.49 -9.83 7.38
N PHE A 53 5.17 -10.59 6.33
CA PHE A 53 4.55 -11.90 6.50
C PHE A 53 5.58 -12.89 7.02
N GLY A 54 5.23 -13.63 8.07
CA GLY A 54 6.19 -14.47 8.76
C GLY A 54 6.30 -14.05 10.21
N SER A 55 7.45 -13.51 10.59
CA SER A 55 7.61 -12.90 11.91
C SER A 55 6.87 -11.58 11.90
N SER A 56 5.57 -11.66 12.19
CA SER A 56 4.66 -10.51 12.09
C SER A 56 5.10 -9.37 12.99
N ASN A 57 5.51 -8.25 12.38
CA ASN A 57 5.95 -7.07 13.12
C ASN A 57 5.34 -5.84 12.44
N THR A 58 4.49 -5.12 13.17
CA THR A 58 3.85 -3.92 12.65
C THR A 58 4.63 -2.67 13.08
N ASP A 59 4.48 -1.62 12.28
CA ASP A 59 5.12 -0.34 12.58
C ASP A 59 4.31 0.75 11.89
N TYR A 60 3.60 1.56 12.67
CA TYR A 60 2.71 2.57 12.15
C TYR A 60 3.32 3.96 12.31
N ALA A 61 2.58 4.96 11.85
CA ALA A 61 3.03 6.35 11.92
C ALA A 61 2.67 6.94 13.28
N GLN A 62 2.80 8.26 13.41
CA GLN A 62 2.53 8.94 14.68
C GLN A 62 1.06 9.29 14.84
N LYS A 63 0.46 9.89 13.81
CA LYS A 63 -0.97 10.22 13.86
C LYS A 63 -1.81 8.96 13.98
N PHE A 64 -1.35 7.87 13.35
CA PHE A 64 -2.01 6.58 13.45
C PHE A 64 -1.49 5.80 14.64
N ARG A 65 -1.75 4.49 14.67
CA ARG A 65 -1.36 3.60 15.76
C ARG A 65 -2.23 3.85 17.00
N ASP A 66 -3.38 4.47 16.76
CA ASP A 66 -4.40 4.65 17.79
C ASP A 66 -5.74 4.18 17.25
N ARG A 67 -5.86 4.11 15.92
CA ARG A 67 -7.12 3.73 15.30
C ARG A 67 -6.95 2.83 14.08
N VAL A 68 -5.74 2.38 13.75
CA VAL A 68 -5.50 1.55 12.59
C VAL A 68 -4.83 0.24 13.03
N THR A 69 -5.02 -0.81 12.24
CA THR A 69 -4.42 -2.10 12.52
C THR A 69 -4.22 -2.84 11.20
N ILE A 70 -3.14 -3.61 11.12
CA ILE A 70 -2.78 -4.35 9.91
C ILE A 70 -2.56 -5.80 10.30
N THR A 71 -3.17 -6.72 9.54
CA THR A 71 -3.04 -8.14 9.76
C THR A 71 -2.51 -8.83 8.51
N GLY A 72 -2.10 -10.08 8.67
CA GLY A 72 -1.58 -10.86 7.57
C GLY A 72 -2.10 -12.28 7.60
N ASP A 73 -2.08 -12.91 6.43
CA ASP A 73 -2.56 -14.28 6.29
C ASP A 73 -1.83 -14.93 5.13
N MET A 74 -1.09 -16.01 5.40
CA MET A 74 -0.33 -16.69 4.37
C MET A 74 -1.11 -17.80 3.68
N SER A 75 -2.22 -18.23 4.27
CA SER A 75 -3.00 -19.32 3.66
C SER A 75 -3.59 -18.88 2.32
N THR A 76 -4.34 -17.78 2.32
CA THR A 76 -4.92 -17.26 1.09
C THR A 76 -4.03 -16.22 0.41
N GLY A 77 -3.09 -15.63 1.14
CA GLY A 77 -2.23 -14.62 0.56
C GLY A 77 -2.86 -13.25 0.43
N THR A 78 -3.73 -12.89 1.38
CA THR A 78 -4.45 -11.63 1.34
C THR A 78 -4.11 -10.81 2.57
N ALA A 79 -3.74 -9.54 2.37
CA ALA A 79 -3.51 -8.62 3.47
C ALA A 79 -4.80 -7.87 3.79
N TYR A 80 -4.82 -7.26 4.97
CA TYR A 80 -6.00 -6.55 5.45
C TYR A 80 -5.60 -5.24 6.11
N MET A 81 -6.55 -4.32 6.19
CA MET A 81 -6.35 -3.04 6.83
C MET A 81 -7.67 -2.55 7.37
N GLU A 82 -7.71 -2.21 8.66
CA GLU A 82 -8.92 -1.73 9.32
C GLU A 82 -8.66 -0.37 9.93
N LEU A 83 -9.65 0.52 9.82
CA LEU A 83 -9.55 1.87 10.35
C LEU A 83 -10.88 2.22 11.02
N SER A 84 -10.85 2.33 12.34
CA SER A 84 -12.04 2.64 13.12
C SER A 84 -12.07 4.11 13.50
N SER A 85 -13.24 4.55 13.98
CA SER A 85 -13.48 5.95 14.37
C SER A 85 -13.20 6.89 13.21
N LEU A 86 -13.98 6.70 12.14
CA LEU A 86 -13.81 7.46 10.91
C LEU A 86 -14.42 8.85 11.04
N ARG A 87 -13.66 9.86 10.61
CA ARG A 87 -14.12 11.23 10.54
C ARG A 87 -14.13 11.69 9.09
N SER A 88 -14.60 12.91 8.86
CA SER A 88 -14.81 13.43 7.50
C SER A 88 -13.54 14.14 7.03
N GLU A 89 -12.41 13.43 7.14
CA GLU A 89 -11.14 13.92 6.60
C GLU A 89 -10.34 12.78 5.99
N ASP A 90 -10.93 11.58 5.97
CA ASP A 90 -10.27 10.39 5.46
C ASP A 90 -10.75 10.00 4.07
N THR A 91 -11.48 10.88 3.39
CA THR A 91 -11.96 10.60 2.04
C THR A 91 -10.81 10.70 1.05
N ALA A 92 -10.23 9.56 0.70
CA ALA A 92 -9.08 9.52 -0.20
C ALA A 92 -8.96 8.12 -0.78
N VAL A 93 -7.97 7.95 -1.65
CA VAL A 93 -7.70 6.67 -2.29
C VAL A 93 -6.57 5.97 -1.54
N TYR A 94 -6.71 4.66 -1.35
CA TYR A 94 -5.74 3.85 -0.63
C TYR A 94 -5.07 2.89 -1.60
N TYR A 95 -3.74 2.78 -1.51
CA TYR A 95 -2.95 1.98 -2.44
C TYR A 95 -2.27 0.83 -1.70
N CYS A 96 -1.87 -0.16 -2.49
CA CYS A 96 -1.18 -1.34 -2.01
C CYS A 96 0.11 -1.54 -2.82
N ALA A 97 1.21 -1.79 -2.11
CA ALA A 97 2.51 -1.92 -2.76
C ALA A 97 3.29 -3.04 -2.10
N ALA A 98 4.04 -3.79 -2.91
CA ALA A 98 4.79 -4.93 -2.43
C ALA A 98 5.91 -5.29 -3.42
N PRO A 99 7.07 -5.69 -2.93
CA PRO A 99 8.17 -6.07 -3.83
C PRO A 99 8.11 -7.53 -4.24
N HIS A 100 8.71 -7.81 -5.39
CA HIS A 100 8.81 -9.18 -5.87
C HIS A 100 9.80 -9.96 -5.03
N CYS A 101 9.38 -11.14 -4.55
CA CYS A 101 10.19 -11.91 -3.62
C CYS A 101 10.07 -13.39 -3.95
N ASN A 102 11.20 -14.10 -3.87
CA ASN A 102 11.20 -15.56 -3.97
C ASN A 102 10.92 -16.16 -2.61
N ARG A 103 11.15 -17.47 -2.46
CA ARG A 103 10.98 -18.15 -1.18
C ARG A 103 12.19 -18.00 -0.27
N THR A 104 13.28 -17.41 -0.78
CA THR A 104 14.50 -17.29 0.01
C THR A 104 15.08 -15.88 -0.07
N ASN A 105 14.79 -15.14 -1.14
CA ASN A 105 15.34 -13.81 -1.35
C ASN A 105 14.28 -12.89 -1.93
N CYS A 106 14.30 -11.63 -1.49
CA CYS A 106 13.42 -10.59 -1.98
C CYS A 106 14.14 -9.69 -2.98
N HIS A 107 13.45 -8.64 -3.41
CA HIS A 107 14.04 -7.64 -4.28
C HIS A 107 14.63 -6.52 -3.42
N ASP A 108 15.00 -5.40 -4.05
CA ASP A 108 15.58 -4.27 -3.33
C ASP A 108 14.76 -3.00 -3.52
N GLY A 109 13.49 -3.12 -3.88
CA GLY A 109 12.64 -1.96 -4.06
C GLY A 109 11.22 -2.37 -4.35
N PHE A 110 10.31 -1.42 -4.14
CA PHE A 110 8.89 -1.65 -4.36
C PHE A 110 8.59 -1.56 -5.85
N ASP A 111 8.30 -2.71 -6.47
CA ASP A 111 8.04 -2.78 -7.90
C ASP A 111 6.56 -2.83 -8.23
N ILE A 112 5.83 -3.77 -7.63
CA ILE A 112 4.43 -3.98 -7.97
C ILE A 112 3.56 -3.05 -7.12
N TRP A 113 2.55 -2.44 -7.75
CA TRP A 113 1.59 -1.57 -7.10
C TRP A 113 0.19 -2.15 -7.33
N GLY A 114 -0.84 -1.41 -6.91
CA GLY A 114 -2.20 -1.86 -7.05
C GLY A 114 -3.05 -0.95 -7.93
N GLN A 115 -4.34 -0.85 -7.62
CA GLN A 115 -5.27 -0.04 -8.39
C GLN A 115 -5.80 1.14 -7.58
N GLY A 116 -6.38 0.90 -6.43
CA GLY A 116 -6.91 1.96 -5.58
C GLY A 116 -8.30 1.63 -5.09
N THR A 117 -8.68 2.26 -3.98
CA THR A 117 -9.99 2.09 -3.39
C THR A 117 -10.49 3.44 -2.88
N VAL A 118 -11.70 3.82 -3.28
CA VAL A 118 -12.27 5.12 -2.95
C VAL A 118 -13.19 4.95 -1.74
N VAL A 119 -13.02 5.81 -0.75
CA VAL A 119 -13.83 5.81 0.46
C VAL A 119 -14.44 7.19 0.64
N THR A 120 -15.76 7.25 0.83
CA THR A 120 -16.48 8.49 1.01
C THR A 120 -17.29 8.43 2.31
N VAL A 121 -17.42 9.59 2.96
CA VAL A 121 -18.12 9.69 4.23
C VAL A 121 -19.19 10.77 4.11
N SER A 122 -20.42 10.37 3.77
CA SER A 122 -21.53 11.31 3.63
C SER A 122 -22.87 10.59 3.55
N SER A 123 -23.92 11.33 3.24
CA SER A 123 -25.28 10.83 3.09
C SER A 123 -25.53 10.46 1.63
N THR A 124 -26.79 10.24 1.26
CA THR A 124 -27.14 9.85 -0.11
C THR A 124 -28.21 10.79 -0.64
N LYS A 125 -28.29 10.87 -1.97
CA LYS A 125 -29.24 11.76 -2.64
C LYS A 125 -29.49 11.33 -4.08
N GLY A 126 -30.16 12.18 -4.86
CA GLY A 126 -30.45 11.90 -6.24
C GLY A 126 -30.12 13.07 -7.15
N PRO A 127 -29.65 12.77 -8.37
CA PRO A 127 -29.13 13.81 -9.25
C PRO A 127 -30.18 14.80 -9.77
N SER A 128 -29.74 15.78 -10.55
CA SER A 128 -30.60 16.79 -11.14
C SER A 128 -29.85 17.49 -12.26
N VAL A 129 -30.60 18.07 -13.19
CA VAL A 129 -30.05 18.74 -14.37
C VAL A 129 -30.72 20.11 -14.50
N PHE A 130 -29.98 21.07 -15.06
CA PHE A 130 -30.50 22.41 -15.30
C PHE A 130 -29.87 23.02 -16.56
N PRO A 131 -30.63 23.76 -17.35
CA PRO A 131 -30.09 24.33 -18.60
C PRO A 131 -29.24 25.56 -18.36
N LEU A 132 -28.43 25.88 -19.37
CA LEU A 132 -27.56 27.05 -19.37
C LEU A 132 -27.65 27.79 -20.70
N ALA A 133 -28.87 28.12 -21.12
CA ALA A 133 -29.19 28.74 -22.41
C ALA A 133 -28.19 29.80 -22.83
N PRO A 134 -27.78 29.82 -24.11
CA PRO A 134 -26.76 30.77 -24.56
C PRO A 134 -27.21 32.22 -24.47
N SER A 135 -26.32 33.09 -24.02
CA SER A 135 -26.61 34.52 -23.98
C SER A 135 -26.25 35.17 -25.31
N SER A 136 -27.12 36.05 -25.80
CA SER A 136 -26.89 36.72 -27.08
C SER A 136 -25.90 37.87 -26.97
N LYS A 137 -25.51 38.28 -25.77
CA LYS A 137 -24.58 39.38 -25.60
C LYS A 137 -23.13 38.92 -25.59
N SER A 138 -22.87 37.67 -25.24
CA SER A 138 -21.51 37.15 -25.19
C SER A 138 -20.97 36.74 -26.55
N THR A 139 -21.82 36.68 -27.57
CA THR A 139 -21.36 36.30 -28.90
C THR A 139 -20.60 37.45 -29.56
N SER A 140 -19.46 37.12 -30.16
CA SER A 140 -18.62 38.10 -30.84
C SER A 140 -18.53 37.85 -32.34
N GLY A 141 -19.37 36.97 -32.89
CA GLY A 141 -19.34 36.67 -34.30
C GLY A 141 -18.57 35.40 -34.61
N GLY A 142 -19.30 34.33 -34.93
CA GLY A 142 -18.68 33.06 -35.22
C GLY A 142 -18.00 32.38 -34.05
N THR A 143 -18.20 32.89 -32.83
CA THR A 143 -17.58 32.32 -31.64
C THR A 143 -18.59 32.42 -30.50
N ALA A 144 -19.31 31.33 -30.24
CA ALA A 144 -20.31 31.27 -29.19
C ALA A 144 -19.93 30.21 -28.17
N ALA A 145 -20.76 30.07 -27.14
CA ALA A 145 -20.51 29.10 -26.08
C ALA A 145 -21.82 28.81 -25.35
N LEU A 146 -21.95 27.57 -24.88
CA LEU A 146 -23.13 27.15 -24.12
C LEU A 146 -22.80 25.85 -23.40
N GLY A 147 -23.67 25.48 -22.48
CA GLY A 147 -23.44 24.27 -21.72
C GLY A 147 -24.65 23.87 -20.90
N CYS A 148 -24.39 23.06 -19.88
CA CYS A 148 -25.44 22.56 -18.99
C CYS A 148 -24.86 22.41 -17.59
N LEU A 149 -25.65 22.74 -16.58
CA LEU A 149 -25.21 22.72 -15.19
C LEU A 149 -25.83 21.52 -14.47
N VAL A 150 -25.00 20.80 -13.72
CA VAL A 150 -25.43 19.64 -12.95
C VAL A 150 -25.21 19.93 -11.48
N LYS A 151 -26.24 19.72 -10.66
CA LYS A 151 -26.18 20.00 -9.24
C LYS A 151 -26.82 18.86 -8.45
N ASP A 152 -26.55 18.83 -7.15
CA ASP A 152 -27.25 17.96 -6.20
C ASP A 152 -27.12 16.47 -6.54
N TYR A 153 -25.91 15.93 -6.47
CA TYR A 153 -25.71 14.50 -6.66
C TYR A 153 -24.57 14.06 -5.73
N PHE A 154 -24.84 13.02 -4.94
CA PHE A 154 -23.86 12.54 -3.97
C PHE A 154 -22.76 11.70 -4.62
N PRO A 155 -23.06 10.64 -5.36
CA PRO A 155 -21.99 9.87 -6.00
C PRO A 155 -21.48 10.59 -7.23
N GLU A 156 -20.22 10.33 -7.57
CA GLU A 156 -19.56 10.99 -8.70
C GLU A 156 -18.99 10.02 -9.73
N PRO A 157 -19.78 9.04 -10.23
CA PRO A 157 -19.41 8.41 -11.49
C PRO A 157 -20.12 9.06 -12.66
N VAL A 158 -20.02 10.39 -12.76
CA VAL A 158 -20.85 11.13 -13.71
C VAL A 158 -20.11 11.30 -15.03
N THR A 159 -20.81 11.03 -16.13
CA THR A 159 -20.29 11.24 -17.48
C THR A 159 -21.24 12.15 -18.26
N VAL A 160 -20.66 12.99 -19.11
CA VAL A 160 -21.42 13.97 -19.88
C VAL A 160 -21.00 13.87 -21.34
N SER A 161 -21.98 13.82 -22.23
CA SER A 161 -21.75 13.78 -23.67
C SER A 161 -22.58 14.89 -24.33
N TRP A 162 -22.35 15.08 -25.63
CA TRP A 162 -23.03 16.11 -26.39
C TRP A 162 -23.42 15.59 -27.77
N ASN A 163 -24.53 16.12 -28.28
CA ASN A 163 -25.04 15.79 -29.60
C ASN A 163 -25.31 14.28 -29.73
N SER A 164 -25.86 13.72 -28.65
CA SER A 164 -26.19 12.29 -28.57
C SER A 164 -24.97 11.42 -28.85
N GLY A 165 -23.79 11.89 -28.44
CA GLY A 165 -22.56 11.18 -28.71
C GLY A 165 -21.95 11.42 -30.07
N ALA A 166 -22.62 12.18 -30.93
CA ALA A 166 -22.11 12.50 -32.26
C ALA A 166 -21.33 13.82 -32.24
N LEU A 167 -20.37 13.89 -31.32
CA LEU A 167 -19.53 15.06 -31.15
C LEU A 167 -18.33 14.68 -30.30
N THR A 168 -17.16 15.12 -30.72
CA THR A 168 -15.92 14.77 -30.03
C THR A 168 -15.12 16.02 -29.67
N SER A 169 -15.12 17.02 -30.54
CA SER A 169 -14.31 18.21 -30.35
C SER A 169 -15.11 19.31 -29.65
N GLY A 170 -14.39 20.29 -29.12
CA GLY A 170 -15.02 21.42 -28.45
C GLY A 170 -15.62 21.12 -27.10
N VAL A 171 -15.16 20.08 -26.42
CA VAL A 171 -15.70 19.67 -25.12
C VAL A 171 -14.68 20.01 -24.05
N HIS A 172 -15.13 20.67 -22.97
CA HIS A 172 -14.30 21.02 -21.83
C HIS A 172 -15.11 20.75 -20.57
N THR A 173 -14.98 19.54 -20.03
CA THR A 173 -15.69 19.15 -18.83
C THR A 173 -14.83 19.45 -17.60
N PHE A 174 -15.34 20.31 -16.72
CA PHE A 174 -14.62 20.69 -15.51
C PHE A 174 -14.84 19.65 -14.41
N PRO A 175 -13.83 19.42 -13.57
CA PRO A 175 -14.01 18.50 -12.44
C PRO A 175 -15.06 18.98 -11.45
N ALA A 176 -15.47 18.11 -10.54
CA ALA A 176 -16.55 18.41 -9.60
C ALA A 176 -16.00 19.00 -8.31
N VAL A 177 -16.84 19.80 -7.66
CA VAL A 177 -16.51 20.41 -6.38
C VAL A 177 -17.54 19.97 -5.35
N LEU A 178 -17.17 20.07 -4.09
CA LEU A 178 -18.00 19.65 -2.97
C LEU A 178 -18.59 20.89 -2.30
N GLN A 179 -19.92 20.97 -2.26
CA GLN A 179 -20.60 22.09 -1.65
C GLN A 179 -20.62 21.92 -0.12
N SER A 180 -21.19 22.91 0.56
CA SER A 180 -21.25 22.87 2.01
C SER A 180 -22.26 21.84 2.50
N SER A 181 -23.32 21.59 1.73
CA SER A 181 -24.34 20.64 2.15
C SER A 181 -23.80 19.21 2.12
N GLY A 182 -23.11 18.84 1.05
CA GLY A 182 -22.57 17.51 0.91
C GLY A 182 -22.76 16.93 -0.47
N LEU A 183 -23.39 17.69 -1.36
CA LEU A 183 -23.67 17.26 -2.73
C LEU A 183 -22.73 17.96 -3.69
N TYR A 184 -22.31 17.22 -4.71
CA TYR A 184 -21.37 17.74 -5.71
C TYR A 184 -22.12 18.48 -6.81
N SER A 185 -21.36 19.26 -7.59
CA SER A 185 -21.93 20.02 -8.70
C SER A 185 -20.79 20.38 -9.66
N LEU A 186 -20.82 19.79 -10.86
CA LEU A 186 -19.85 20.11 -11.90
C LEU A 186 -20.51 21.00 -12.96
N SER A 187 -19.77 21.29 -14.02
CA SER A 187 -20.28 22.08 -15.12
C SER A 187 -19.48 21.77 -16.37
N SER A 188 -20.17 21.80 -17.52
CA SER A 188 -19.53 21.54 -18.80
C SER A 188 -20.06 22.54 -19.82
N VAL A 189 -19.19 22.89 -20.78
CA VAL A 189 -19.52 23.84 -21.83
C VAL A 189 -19.02 23.28 -23.16
N VAL A 190 -19.49 23.91 -24.25
CA VAL A 190 -19.08 23.53 -25.60
C VAL A 190 -18.92 24.81 -26.41
N THR A 191 -17.84 24.88 -27.19
CA THR A 191 -17.53 26.06 -27.99
C THR A 191 -17.90 25.78 -29.44
N VAL A 192 -19.00 26.35 -29.89
CA VAL A 192 -19.45 26.21 -31.27
C VAL A 192 -19.53 27.61 -31.90
N PRO A 193 -19.32 27.74 -33.22
CA PRO A 193 -19.41 29.06 -33.84
C PRO A 193 -20.80 29.63 -33.76
N SER A 194 -20.88 30.97 -33.69
CA SER A 194 -22.16 31.65 -33.66
C SER A 194 -22.93 31.50 -34.96
N SER A 195 -22.23 31.24 -36.07
CA SER A 195 -22.92 31.01 -37.34
C SER A 195 -23.76 29.74 -37.30
N SER A 196 -23.35 28.75 -36.48
CA SER A 196 -24.14 27.54 -36.32
C SER A 196 -25.34 27.75 -35.41
N LEU A 197 -25.31 28.77 -34.55
CA LEU A 197 -26.46 29.09 -33.72
C LEU A 197 -27.62 29.56 -34.59
N GLY A 198 -28.83 29.22 -34.19
CA GLY A 198 -29.99 29.43 -35.02
C GLY A 198 -30.10 28.49 -36.20
N THR A 199 -29.12 27.62 -36.39
CA THR A 199 -29.13 26.61 -37.45
C THR A 199 -29.03 25.19 -36.91
N GLN A 200 -28.19 24.97 -35.90
CA GLN A 200 -28.05 23.66 -35.27
C GLN A 200 -28.71 23.72 -33.90
N THR A 201 -29.77 22.93 -33.72
CA THR A 201 -30.55 22.91 -32.49
C THR A 201 -30.38 21.56 -31.82
N TYR A 202 -29.87 21.56 -30.59
CA TYR A 202 -29.56 20.33 -29.88
C TYR A 202 -29.65 20.59 -28.37
N ILE A 203 -29.44 19.53 -27.59
CA ILE A 203 -29.43 19.59 -26.13
C ILE A 203 -28.25 18.77 -25.62
N CYS A 204 -28.14 18.69 -24.29
CA CYS A 204 -27.05 17.99 -23.62
C CYS A 204 -27.54 16.67 -23.06
N ASN A 205 -26.62 15.72 -22.91
CA ASN A 205 -26.93 14.38 -22.41
C ASN A 205 -26.00 14.04 -21.25
N VAL A 206 -26.60 13.58 -20.16
CA VAL A 206 -25.84 13.20 -18.97
C VAL A 206 -26.23 11.80 -18.53
N ASN A 207 -25.59 11.30 -17.48
CA ASN A 207 -25.85 9.95 -16.99
C ASN A 207 -25.31 9.76 -15.58
N HIS A 208 -26.07 9.06 -14.74
CA HIS A 208 -25.66 8.74 -13.37
C HIS A 208 -26.02 7.28 -13.13
N LYS A 209 -24.98 6.44 -12.96
CA LYS A 209 -25.15 5.00 -12.85
C LYS A 209 -25.93 4.55 -11.61
N PRO A 210 -25.61 5.01 -10.35
CA PRO A 210 -26.32 4.51 -9.17
C PRO A 210 -27.75 5.03 -9.02
N SER A 211 -28.23 5.73 -10.05
CA SER A 211 -29.60 6.25 -10.02
C SER A 211 -30.30 5.97 -11.35
N ASN A 212 -29.53 5.74 -12.40
CA ASN A 212 -30.06 5.47 -13.74
C ASN A 212 -31.00 6.58 -14.19
N THR A 213 -30.46 7.79 -14.34
CA THR A 213 -31.23 8.95 -14.78
C THR A 213 -30.52 9.62 -15.94
N LYS A 214 -31.27 9.89 -17.02
CA LYS A 214 -30.73 10.54 -18.20
C LYS A 214 -31.73 11.54 -18.74
N VAL A 215 -31.22 12.64 -19.27
CA VAL A 215 -32.07 13.69 -19.83
C VAL A 215 -31.67 13.99 -21.27
N GLU B 1 11.40 12.69 13.16
CA GLU B 1 11.42 11.97 11.89
C GLU B 1 12.11 12.79 10.80
N ILE B 2 12.75 12.11 9.86
CA ILE B 2 13.47 12.79 8.78
C ILE B 2 12.45 13.40 7.83
N VAL B 3 12.70 14.64 7.43
CA VAL B 3 11.79 15.40 6.58
C VAL B 3 12.48 15.67 5.24
N LEU B 4 11.73 15.51 4.15
CA LEU B 4 12.24 15.83 2.83
C LEU B 4 11.64 17.13 2.32
N THR B 5 12.46 17.90 1.58
CA THR B 5 12.04 19.21 1.09
C THR B 5 12.50 19.34 -0.37
N GLN B 6 11.56 19.15 -1.29
CA GLN B 6 11.85 19.38 -2.70
C GLN B 6 11.74 20.87 -3.02
N SER B 7 12.84 21.45 -3.50
CA SER B 7 12.91 22.89 -3.71
C SER B 7 12.13 23.34 -4.95
N PRO B 8 12.36 22.76 -6.15
CA PRO B 8 11.65 23.27 -7.32
C PRO B 8 10.17 22.90 -7.30
N GLY B 9 9.31 23.90 -7.07
CA GLY B 9 7.87 23.68 -7.09
C GLY B 9 7.36 23.35 -8.48
N THR B 10 7.51 24.29 -9.40
CA THR B 10 7.15 24.11 -10.80
C THR B 10 8.35 24.43 -11.68
N LEU B 11 8.46 23.71 -12.79
CA LEU B 11 9.60 23.86 -13.71
C LEU B 11 9.07 23.72 -15.13
N SER B 12 8.90 24.85 -15.81
CA SER B 12 8.42 24.84 -17.18
C SER B 12 9.58 24.84 -18.16
N LEU B 13 9.50 23.98 -19.18
CA LEU B 13 10.54 23.88 -20.18
C LEU B 13 9.89 23.68 -21.55
N SER B 14 10.71 23.29 -22.53
CA SER B 14 10.29 23.02 -23.89
C SER B 14 10.71 21.61 -24.27
N PRO B 15 9.92 20.93 -25.11
CA PRO B 15 10.29 19.56 -25.50
C PRO B 15 11.62 19.53 -26.24
N GLY B 16 12.53 18.69 -25.74
CA GLY B 16 13.85 18.59 -26.31
C GLY B 16 14.90 19.37 -25.53
N GLU B 17 14.78 19.34 -24.20
CA GLU B 17 15.71 20.06 -23.34
C GLU B 17 16.11 19.22 -22.13
N ARG B 18 16.74 19.85 -21.14
CA ARG B 18 17.23 19.16 -19.95
C ARG B 18 16.71 19.85 -18.70
N ALA B 19 16.18 19.05 -17.78
CA ALA B 19 15.67 19.53 -16.51
C ALA B 19 16.36 18.79 -15.37
N THR B 20 16.58 19.50 -14.27
CA THR B 20 17.26 18.93 -13.11
C THR B 20 16.46 19.29 -11.86
N LEU B 21 15.91 18.27 -11.20
CA LEU B 21 15.18 18.44 -9.95
C LEU B 21 15.91 17.75 -8.82
N SER B 22 15.79 18.29 -7.61
CA SER B 22 16.48 17.78 -6.45
C SER B 22 15.50 17.52 -5.32
N CYS B 23 15.89 16.63 -4.41
CA CYS B 23 15.09 16.27 -3.23
C CYS B 23 16.07 16.09 -2.07
N ARG B 24 16.27 17.15 -1.29
CA ARG B 24 17.21 17.12 -0.19
C ARG B 24 16.54 16.60 1.09
N ALA B 25 17.35 16.49 2.14
CA ALA B 25 16.88 15.98 3.42
C ALA B 25 17.49 16.81 4.54
N SER B 26 16.92 16.66 5.75
CA SER B 26 17.42 17.41 6.90
C SER B 26 18.64 16.72 7.50
N GLN B 27 18.47 15.49 7.98
CA GLN B 27 19.59 14.73 8.52
C GLN B 27 20.29 13.96 7.42
N SER B 28 21.19 13.04 7.79
CA SER B 28 21.92 12.24 6.83
C SER B 28 21.24 10.89 6.68
N VAL B 29 21.01 10.48 5.44
CA VAL B 29 20.39 9.21 5.13
C VAL B 29 21.38 8.32 4.40
N ARG B 30 21.13 7.02 4.45
CA ARG B 30 21.99 6.04 3.80
C ARG B 30 21.60 5.90 2.34
N SER B 31 22.62 5.88 1.47
CA SER B 31 22.38 5.82 0.04
C SER B 31 22.12 4.39 -0.42
N GLY B 32 21.20 3.71 0.24
CA GLY B 32 20.81 2.37 -0.16
C GLY B 32 19.32 2.14 -0.02
N TYR B 33 18.61 3.14 0.53
CA TYR B 33 17.19 3.05 0.80
C TYR B 33 16.45 4.29 0.32
N LEU B 34 16.82 4.78 -0.87
CA LEU B 34 16.17 5.91 -1.50
C LEU B 34 15.49 5.44 -2.77
N GLY B 35 14.29 5.97 -3.03
CA GLY B 35 13.54 5.56 -4.20
C GLY B 35 12.74 6.68 -4.83
N TRP B 36 12.75 6.75 -6.16
CA TRP B 36 11.99 7.74 -6.90
C TRP B 36 10.77 7.09 -7.54
N TYR B 37 9.72 7.90 -7.72
CA TYR B 37 8.47 7.41 -8.27
C TYR B 37 7.96 8.38 -9.33
N GLN B 38 7.07 7.88 -10.18
CA GLN B 38 6.44 8.67 -11.22
C GLN B 38 4.94 8.40 -11.22
N GLN B 39 4.15 9.46 -11.25
CA GLN B 39 2.70 9.34 -11.14
C GLN B 39 2.02 10.30 -12.10
N LYS B 40 1.15 9.76 -12.95
CA LYS B 40 0.29 10.54 -13.82
C LYS B 40 -1.04 10.81 -13.12
N PRO B 41 -1.58 12.03 -13.18
CA PRO B 41 -2.84 12.31 -12.48
C PRO B 41 -4.00 11.49 -13.01
N GLY B 42 -4.52 10.58 -12.17
CA GLY B 42 -5.60 9.71 -12.56
C GLY B 42 -5.15 8.28 -12.77
N GLN B 43 -3.97 7.94 -12.26
CA GLN B 43 -3.42 6.60 -12.41
C GLN B 43 -2.75 6.14 -11.12
N ALA B 44 -1.98 5.06 -11.19
CA ALA B 44 -1.26 4.55 -10.03
C ALA B 44 0.23 4.80 -10.18
N PRO B 45 0.92 5.23 -9.12
CA PRO B 45 2.35 5.50 -9.23
C PRO B 45 3.15 4.23 -9.50
N ARG B 46 4.28 4.40 -10.18
CA ARG B 46 5.19 3.31 -10.49
C ARG B 46 6.59 3.66 -10.03
N LEU B 47 7.46 2.65 -10.01
CA LEU B 47 8.84 2.84 -9.58
C LEU B 47 9.72 3.26 -10.76
N LEU B 48 10.60 4.23 -10.51
CA LEU B 48 11.52 4.73 -11.53
C LEU B 48 12.97 4.42 -11.18
N ILE B 49 13.44 4.81 -10.01
CA ILE B 49 14.83 4.63 -9.59
C ILE B 49 14.84 4.08 -8.17
N TYR B 50 15.56 2.98 -7.97
CA TYR B 50 15.75 2.41 -6.65
C TYR B 50 17.24 2.32 -6.34
N GLY B 51 17.61 2.67 -5.11
CA GLY B 51 18.99 2.73 -4.71
C GLY B 51 19.71 4.00 -5.15
N ALA B 52 18.99 4.93 -5.78
CA ALA B 52 19.50 6.23 -6.21
C ALA B 52 20.55 6.10 -7.31
N TYR B 53 20.85 4.88 -7.75
CA TYR B 53 21.82 4.69 -8.83
C TYR B 53 21.29 3.72 -9.88
N ASN B 54 20.39 2.83 -9.49
CA ASN B 54 19.92 1.78 -10.39
C ASN B 54 18.58 2.15 -11.00
N ARG B 55 18.36 1.72 -12.24
CA ARG B 55 17.09 1.93 -12.92
C ARG B 55 16.24 0.67 -12.84
N ALA B 56 14.95 0.85 -13.08
CA ALA B 56 14.01 -0.27 -13.08
C ALA B 56 13.92 -0.88 -14.47
N THR B 57 13.26 -2.04 -14.54
CA THR B 57 13.12 -2.75 -15.81
C THR B 57 12.09 -2.04 -16.69
N GLY B 58 12.42 -1.88 -17.97
CA GLY B 58 11.54 -1.26 -18.93
C GLY B 58 11.66 0.26 -19.02
N ILE B 59 12.26 0.90 -18.03
CA ILE B 59 12.42 2.35 -18.02
C ILE B 59 13.42 2.74 -19.09
N PRO B 60 13.11 3.72 -19.95
CA PRO B 60 14.06 4.13 -20.99
C PRO B 60 15.35 4.68 -20.40
N ASP B 61 16.39 4.68 -21.22
CA ASP B 61 17.72 5.11 -20.80
C ASP B 61 17.93 6.62 -20.88
N ARG B 62 17.03 7.40 -20.28
CA ARG B 62 17.20 8.85 -20.20
C ARG B 62 17.04 9.41 -18.79
N PHE B 63 16.68 8.58 -17.81
CA PHE B 63 16.57 9.01 -16.42
C PHE B 63 17.83 8.56 -15.69
N ARG B 64 18.69 9.52 -15.33
CA ARG B 64 19.94 9.23 -14.65
C ARG B 64 19.85 9.64 -13.19
N GLY B 65 20.40 8.80 -12.32
CA GLY B 65 20.43 9.08 -10.90
C GLY B 65 21.78 9.59 -10.44
N SER B 66 21.75 10.52 -9.48
CA SER B 66 22.96 11.11 -8.94
C SER B 66 22.67 11.63 -7.55
N GLY B 67 23.74 12.04 -6.86
CA GLY B 67 23.62 12.58 -5.52
C GLY B 67 23.89 11.56 -4.43
N SER B 68 24.45 12.00 -3.31
CA SER B 68 24.74 11.11 -2.20
C SER B 68 24.93 11.92 -0.94
N GLY B 69 24.70 11.28 0.20
CA GLY B 69 24.91 11.90 1.50
C GLY B 69 23.72 12.66 2.03
N THR B 70 23.49 13.87 1.52
CA THR B 70 22.40 14.70 2.01
C THR B 70 21.60 15.30 0.86
N ASP B 71 22.21 15.38 -0.32
CA ASP B 71 21.60 16.00 -1.49
C ASP B 71 21.52 14.98 -2.61
N PHE B 72 20.31 14.79 -3.15
CA PHE B 72 20.08 13.89 -4.27
C PHE B 72 19.39 14.65 -5.39
N THR B 73 19.68 14.25 -6.63
CA THR B 73 19.14 14.94 -7.79
C THR B 73 18.80 13.94 -8.87
N LEU B 74 17.84 14.32 -9.72
CA LEU B 74 17.40 13.50 -10.85
C LEU B 74 17.50 14.34 -12.12
N THR B 75 18.21 13.82 -13.11
CA THR B 75 18.49 14.54 -14.34
C THR B 75 17.75 13.90 -15.51
N ILE B 76 17.20 14.74 -16.38
CA ILE B 76 16.50 14.32 -17.58
C ILE B 76 17.40 14.53 -18.78
N SER B 77 17.51 13.50 -19.64
CA SER B 77 18.42 13.59 -20.78
C SER B 77 17.78 14.35 -21.94
N ARG B 78 16.67 13.85 -22.46
CA ARG B 78 16.01 14.46 -23.61
C ARG B 78 14.51 14.40 -23.40
N LEU B 79 13.87 15.56 -23.38
CA LEU B 79 12.43 15.63 -23.11
C LEU B 79 11.64 15.34 -24.38
N GLU B 80 11.35 14.06 -24.63
CA GLU B 80 10.37 13.64 -25.61
C GLU B 80 9.04 13.57 -24.87
N PRO B 81 8.08 14.45 -25.18
CA PRO B 81 7.01 14.70 -24.20
C PRO B 81 6.03 13.54 -24.04
N GLU B 82 6.23 12.79 -22.97
CA GLU B 82 5.25 11.82 -22.47
C GLU B 82 5.30 11.81 -20.95
N ASP B 83 6.13 12.67 -20.38
CA ASP B 83 6.49 12.61 -18.97
C ASP B 83 6.41 13.98 -18.31
N PHE B 84 5.31 14.69 -18.55
CA PHE B 84 5.03 15.94 -17.84
C PHE B 84 4.11 15.65 -16.67
N VAL B 85 4.67 14.98 -15.66
CA VAL B 85 3.89 14.50 -14.52
C VAL B 85 4.60 14.83 -13.21
N VAL B 86 4.07 14.36 -12.10
CA VAL B 86 4.57 14.65 -10.77
C VAL B 86 5.56 13.56 -10.37
N TYR B 87 6.65 13.96 -9.70
CA TYR B 87 7.66 13.03 -9.22
C TYR B 87 7.78 13.14 -7.70
N TYR B 88 8.09 12.01 -7.06
CA TYR B 88 8.19 11.94 -5.61
C TYR B 88 9.47 11.22 -5.20
N CYS B 89 9.91 11.49 -3.97
CA CYS B 89 11.04 10.82 -3.37
C CYS B 89 10.64 10.23 -2.02
N GLN B 90 11.26 9.11 -1.66
CA GLN B 90 10.94 8.41 -0.42
C GLN B 90 12.24 7.93 0.23
N GLN B 91 12.23 7.88 1.57
CA GLN B 91 13.39 7.48 2.36
C GLN B 91 12.96 6.40 3.35
N TYR B 92 13.08 5.14 2.93
CA TYR B 92 12.70 4.01 3.78
C TYR B 92 13.94 3.41 4.44
N ASP B 93 14.53 4.22 5.33
CA ASP B 93 15.72 3.80 6.08
C ASP B 93 15.51 3.78 7.57
N ARG B 94 14.85 4.79 8.14
CA ARG B 94 14.58 4.85 9.56
C ARG B 94 13.22 4.19 9.83
N SER B 95 12.71 4.35 11.05
CA SER B 95 11.43 3.76 11.40
C SER B 95 10.26 4.55 10.79
N PRO B 96 10.18 5.89 10.97
CA PRO B 96 9.13 6.65 10.31
C PRO B 96 9.53 6.99 8.87
N TRP B 97 8.78 6.44 7.91
CA TRP B 97 9.05 6.67 6.50
C TRP B 97 8.22 7.86 6.02
N THR B 98 8.84 8.75 5.26
CA THR B 98 8.18 9.95 4.77
C THR B 98 8.29 10.03 3.25
N PHE B 99 7.49 10.93 2.68
CA PHE B 99 7.49 11.21 1.25
C PHE B 99 7.87 12.68 1.03
N GLY B 100 7.79 13.11 -0.23
CA GLY B 100 8.08 14.48 -0.59
C GLY B 100 6.81 15.30 -0.83
N GLN B 101 7.02 16.55 -1.23
CA GLN B 101 5.91 17.44 -1.52
C GLN B 101 5.36 17.20 -2.92
N GLY B 102 6.21 17.36 -3.94
CA GLY B 102 5.80 17.14 -5.31
C GLY B 102 6.37 18.13 -6.29
N THR B 103 6.83 17.65 -7.44
CA THR B 103 7.39 18.49 -8.49
C THR B 103 6.66 18.20 -9.79
N LYS B 104 5.93 19.19 -10.29
CA LYS B 104 5.19 19.06 -11.54
C LYS B 104 5.95 19.79 -12.65
N VAL B 105 5.94 19.20 -13.84
CA VAL B 105 6.59 19.76 -15.02
C VAL B 105 5.54 20.06 -16.07
N GLU B 106 5.55 21.28 -16.60
CA GLU B 106 4.59 21.72 -17.59
C GLU B 106 5.33 22.18 -18.84
N ILE B 107 4.56 22.53 -19.87
CA ILE B 107 5.09 22.93 -21.17
C ILE B 107 5.00 24.44 -21.28
N LYS B 108 6.04 25.05 -21.85
CA LYS B 108 6.13 26.49 -22.03
C LYS B 108 5.60 26.88 -23.41
N ARG B 109 4.90 28.01 -23.46
CA ARG B 109 4.35 28.52 -24.71
C ARG B 109 4.26 30.04 -24.60
N THR B 110 3.68 30.66 -25.62
CA THR B 110 3.53 32.12 -25.64
C THR B 110 2.34 32.54 -24.80
N VAL B 111 2.42 33.73 -24.22
CA VAL B 111 1.34 34.23 -23.37
C VAL B 111 0.15 34.60 -24.26
N ALA B 112 -0.99 33.97 -24.00
CA ALA B 112 -2.21 34.20 -24.75
C ALA B 112 -3.14 35.12 -23.94
N ALA B 113 -4.36 35.33 -24.45
CA ALA B 113 -5.33 36.17 -23.78
C ALA B 113 -6.62 35.38 -23.58
N PRO B 114 -7.20 35.40 -22.39
CA PRO B 114 -8.44 34.64 -22.16
C PRO B 114 -9.65 35.34 -22.74
N SER B 115 -10.67 34.53 -23.03
CA SER B 115 -11.94 35.03 -23.55
C SER B 115 -13.00 34.98 -22.45
N VAL B 116 -13.83 36.02 -22.40
CA VAL B 116 -14.84 36.16 -21.36
C VAL B 116 -16.21 35.81 -21.94
N PHE B 117 -16.97 35.00 -21.20
CA PHE B 117 -18.33 34.64 -21.59
C PHE B 117 -19.16 34.50 -20.31
N ILE B 118 -20.09 35.42 -20.10
CA ILE B 118 -20.92 35.44 -18.90
C ILE B 118 -22.29 34.86 -19.23
N PHE B 119 -22.92 34.24 -18.23
CA PHE B 119 -24.22 33.61 -18.41
C PHE B 119 -25.14 33.99 -17.26
N PRO B 120 -26.33 34.51 -17.55
CA PRO B 120 -27.28 34.83 -16.48
C PRO B 120 -27.94 33.57 -15.95
N PRO B 121 -28.61 33.64 -14.81
CA PRO B 121 -29.30 32.45 -14.27
C PRO B 121 -30.38 31.95 -15.21
N SER B 122 -30.79 30.71 -14.98
CA SER B 122 -31.78 30.03 -15.81
C SER B 122 -33.18 30.19 -15.22
N ASP B 123 -34.18 30.08 -16.11
CA ASP B 123 -35.56 30.25 -15.68
C ASP B 123 -36.03 29.08 -14.84
N GLU B 124 -35.66 27.85 -15.23
CA GLU B 124 -36.07 26.68 -14.45
C GLU B 124 -35.41 26.68 -13.08
N GLN B 125 -34.17 27.17 -12.99
CA GLN B 125 -33.52 27.27 -11.70
C GLN B 125 -34.22 28.27 -10.79
N LEU B 126 -34.69 29.39 -11.36
CA LEU B 126 -35.45 30.34 -10.57
C LEU B 126 -36.80 29.78 -10.15
N LYS B 127 -37.43 28.99 -11.02
CA LYS B 127 -38.68 28.35 -10.65
C LYS B 127 -38.48 27.31 -9.55
N SER B 128 -37.30 26.67 -9.51
CA SER B 128 -37.00 25.70 -8.47
C SER B 128 -36.64 26.35 -7.14
N GLY B 129 -36.29 27.63 -7.14
CA GLY B 129 -35.96 28.33 -5.92
C GLY B 129 -34.49 28.58 -5.66
N THR B 130 -33.65 28.52 -6.69
CA THR B 130 -32.21 28.74 -6.53
C THR B 130 -31.73 29.64 -7.68
N ALA B 131 -30.47 30.02 -7.62
CA ALA B 131 -29.87 30.87 -8.64
C ALA B 131 -28.36 30.67 -8.63
N SER B 132 -27.74 30.93 -9.78
CA SER B 132 -26.30 30.78 -9.92
C SER B 132 -25.83 31.59 -11.13
N VAL B 133 -24.71 32.28 -10.97
CA VAL B 133 -24.10 33.08 -12.03
C VAL B 133 -22.74 32.49 -12.34
N VAL B 134 -22.48 32.23 -13.62
CA VAL B 134 -21.26 31.57 -14.07
C VAL B 134 -20.51 32.53 -14.99
N CYS B 135 -19.20 32.64 -14.79
CA CYS B 135 -18.33 33.45 -15.63
C CYS B 135 -17.18 32.57 -16.10
N LEU B 136 -17.12 32.33 -17.42
CA LEU B 136 -16.19 31.37 -18.00
C LEU B 136 -14.99 32.08 -18.63
N LEU B 137 -13.80 31.53 -18.41
CA LEU B 137 -12.58 32.01 -19.03
C LEU B 137 -11.95 30.84 -19.79
N ASN B 138 -11.64 31.05 -21.06
CA ASN B 138 -11.14 30.00 -21.93
C ASN B 138 -9.88 30.43 -22.65
N ASN B 139 -9.02 29.46 -22.93
CA ASN B 139 -7.82 29.64 -23.77
C ASN B 139 -6.88 30.70 -23.20
N PHE B 140 -6.33 30.40 -22.03
CA PHE B 140 -5.30 31.22 -21.42
C PHE B 140 -4.18 30.33 -20.90
N TYR B 141 -2.94 30.68 -21.22
CA TYR B 141 -1.79 29.87 -20.83
C TYR B 141 -1.40 30.08 -19.36
N PRO B 142 -1.16 31.30 -18.89
CA PRO B 142 -0.67 31.46 -17.51
C PRO B 142 -1.69 30.99 -16.49
N ARG B 143 -1.31 29.97 -15.72
CA ARG B 143 -2.19 29.40 -14.71
C ARG B 143 -2.16 30.23 -13.44
N GLU B 144 -2.38 31.54 -13.57
CA GLU B 144 -2.42 32.44 -12.41
C GLU B 144 -3.37 33.58 -12.78
N ALA B 145 -4.63 33.41 -12.40
CA ALA B 145 -5.67 34.39 -12.68
C ALA B 145 -6.40 34.73 -11.38
N LYS B 146 -7.29 35.71 -11.46
CA LYS B 146 -8.06 36.14 -10.30
C LYS B 146 -9.31 36.85 -10.77
N VAL B 147 -10.47 36.42 -10.28
CA VAL B 147 -11.76 36.99 -10.64
C VAL B 147 -12.43 37.51 -9.38
N GLN B 148 -12.82 38.78 -9.41
CA GLN B 148 -13.50 39.43 -8.28
C GLN B 148 -14.86 39.91 -8.76
N TRP B 149 -15.92 39.35 -8.18
CA TRP B 149 -17.27 39.71 -8.59
C TRP B 149 -17.63 41.10 -8.08
N LYS B 150 -18.47 41.80 -8.85
CA LYS B 150 -18.97 43.12 -8.50
C LYS B 150 -20.49 43.06 -8.51
N VAL B 151 -21.07 42.89 -7.32
CA VAL B 151 -22.52 42.82 -7.15
C VAL B 151 -22.98 44.18 -6.65
N ASP B 152 -23.50 45.01 -7.56
CA ASP B 152 -23.93 46.37 -7.25
C ASP B 152 -22.80 47.17 -6.62
N ASN B 153 -21.61 47.07 -7.20
CA ASN B 153 -20.40 47.75 -6.76
C ASN B 153 -19.98 47.38 -5.34
N ALA B 154 -20.53 46.29 -4.80
CA ALA B 154 -20.16 45.82 -3.46
C ALA B 154 -19.25 44.60 -3.61
N LEU B 155 -18.04 44.70 -3.05
CA LEU B 155 -17.06 43.64 -3.16
C LEU B 155 -17.55 42.40 -2.41
N GLN B 156 -17.87 41.34 -3.16
CA GLN B 156 -18.31 40.08 -2.59
C GLN B 156 -17.17 39.07 -2.60
N SER B 157 -17.29 38.07 -1.73
CA SER B 157 -16.30 37.01 -1.62
C SER B 157 -16.92 35.87 -0.81
N GLY B 158 -16.12 34.84 -0.56
CA GLY B 158 -16.55 33.72 0.25
C GLY B 158 -17.43 32.74 -0.50
N ASN B 159 -18.62 33.19 -0.89
CA ASN B 159 -19.59 32.34 -1.58
C ASN B 159 -19.26 32.22 -3.06
N SER B 160 -18.11 31.63 -3.34
CA SER B 160 -17.65 31.43 -4.71
C SER B 160 -16.61 30.32 -4.73
N GLN B 161 -16.65 29.50 -5.77
CA GLN B 161 -15.71 28.41 -5.94
C GLN B 161 -15.28 28.33 -7.40
N GLU B 162 -14.05 27.87 -7.61
CA GLU B 162 -13.46 27.79 -8.94
C GLU B 162 -12.92 26.40 -9.19
N SER B 163 -13.05 25.93 -10.43
CA SER B 163 -12.53 24.65 -10.87
C SER B 163 -11.75 24.84 -12.16
N VAL B 164 -10.53 24.31 -12.20
CA VAL B 164 -9.64 24.46 -13.34
C VAL B 164 -9.36 23.08 -13.93
N THR B 165 -9.28 23.00 -15.25
CA THR B 165 -8.96 21.76 -15.94
C THR B 165 -7.45 21.65 -16.14
N GLU B 166 -7.04 20.57 -16.79
CA GLU B 166 -5.63 20.34 -17.06
C GLU B 166 -5.26 20.90 -18.44
N GLN B 167 -4.02 20.67 -18.86
CA GLN B 167 -3.57 21.14 -20.16
C GLN B 167 -4.09 20.25 -21.27
N ASP B 168 -4.36 20.86 -22.42
CA ASP B 168 -4.87 20.12 -23.57
C ASP B 168 -3.72 19.40 -24.28
N SER B 169 -4.08 18.63 -25.31
CA SER B 169 -3.11 17.88 -26.09
C SER B 169 -2.81 18.55 -27.43
N LYS B 170 -3.29 19.77 -27.64
CA LYS B 170 -3.06 20.49 -28.90
C LYS B 170 -2.28 21.77 -28.68
N ASP B 171 -2.65 22.58 -27.68
CA ASP B 171 -1.98 23.85 -27.45
C ASP B 171 -1.60 24.08 -26.00
N SER B 172 -1.98 23.20 -25.07
CA SER B 172 -1.60 23.29 -23.67
C SER B 172 -2.04 24.62 -23.05
N THR B 173 -3.36 24.82 -23.00
CA THR B 173 -3.97 25.98 -22.37
C THR B 173 -4.81 25.53 -21.18
N TYR B 174 -5.47 26.50 -20.54
CA TYR B 174 -6.30 26.25 -19.37
C TYR B 174 -7.67 26.89 -19.55
N SER B 175 -8.62 26.43 -18.75
CA SER B 175 -9.97 26.97 -18.73
C SER B 175 -10.42 27.09 -17.28
N LEU B 176 -11.09 28.20 -16.96
CA LEU B 176 -11.50 28.50 -15.59
C LEU B 176 -12.98 28.80 -15.56
N SER B 177 -13.68 28.20 -14.60
CA SER B 177 -15.10 28.45 -14.38
C SER B 177 -15.31 28.89 -12.93
N SER B 178 -16.28 29.77 -12.73
CA SER B 178 -16.57 30.31 -11.41
C SER B 178 -18.07 30.51 -11.26
N THR B 179 -18.64 29.95 -10.20
CA THR B 179 -20.07 30.05 -9.93
C THR B 179 -20.33 31.01 -8.77
N LEU B 180 -21.47 31.70 -8.85
CA LEU B 180 -21.91 32.64 -7.82
C LEU B 180 -23.27 32.16 -7.29
N THR B 181 -23.22 31.35 -6.23
CA THR B 181 -24.42 30.76 -5.66
C THR B 181 -25.12 31.73 -4.71
N LEU B 182 -26.36 32.08 -5.01
CA LEU B 182 -27.16 32.94 -4.16
C LEU B 182 -28.63 32.52 -4.25
N SER B 183 -29.39 32.90 -3.22
CA SER B 183 -30.81 32.57 -3.15
C SER B 183 -31.64 33.63 -3.86
N LYS B 184 -32.93 33.32 -4.04
CA LYS B 184 -33.82 34.27 -4.68
C LYS B 184 -34.12 35.46 -3.77
N ALA B 185 -33.84 35.33 -2.47
CA ALA B 185 -34.06 36.44 -1.55
C ALA B 185 -33.19 37.64 -1.91
N ASP B 186 -31.99 37.38 -2.41
CA ASP B 186 -31.07 38.44 -2.83
C ASP B 186 -31.03 38.61 -4.34
N TYR B 187 -31.82 37.84 -5.08
CA TYR B 187 -31.86 37.96 -6.54
C TYR B 187 -32.86 38.98 -7.04
N GLU B 188 -34.00 39.12 -6.36
CA GLU B 188 -34.99 40.12 -6.76
C GLU B 188 -34.58 41.53 -6.36
N LYS B 189 -33.56 41.69 -5.52
CA LYS B 189 -33.11 43.01 -5.09
C LYS B 189 -32.00 43.52 -6.00
N HIS B 190 -30.91 42.77 -6.09
CA HIS B 190 -29.78 43.18 -6.91
C HIS B 190 -29.97 42.69 -8.35
N LYS B 191 -29.49 43.51 -9.30
CA LYS B 191 -29.59 43.19 -10.71
C LYS B 191 -28.30 43.36 -11.48
N VAL B 192 -27.31 44.08 -10.95
CA VAL B 192 -26.04 44.30 -11.63
C VAL B 192 -25.06 43.25 -11.12
N TYR B 193 -24.53 42.46 -12.05
CA TYR B 193 -23.58 41.39 -11.73
C TYR B 193 -22.42 41.44 -12.73
N ALA B 194 -21.32 42.07 -12.33
CA ALA B 194 -20.16 42.17 -13.19
C ALA B 194 -19.14 41.08 -12.87
N CYS B 195 -18.35 40.71 -13.88
CA CYS B 195 -17.29 39.72 -13.74
C CYS B 195 -15.98 40.40 -14.11
N GLU B 196 -15.27 40.91 -13.10
CA GLU B 196 -14.00 41.59 -13.32
C GLU B 196 -12.91 40.57 -13.62
N VAL B 197 -12.32 40.68 -14.81
CA VAL B 197 -11.27 39.77 -15.27
C VAL B 197 -9.96 40.54 -15.28
N THR B 198 -9.03 40.13 -14.43
CA THR B 198 -7.70 40.74 -14.32
C THR B 198 -6.66 39.66 -14.55
N HIS B 199 -5.95 39.75 -15.67
CA HIS B 199 -4.95 38.75 -16.04
C HIS B 199 -3.69 39.46 -16.50
N GLN B 200 -2.55 38.76 -16.39
CA GLN B 200 -1.27 39.34 -16.78
C GLN B 200 -1.22 39.61 -18.28
N GLY B 201 -1.79 38.71 -19.07
CA GLY B 201 -1.78 38.90 -20.52
C GLY B 201 -2.69 40.03 -20.96
N LEU B 202 -3.83 40.21 -20.29
CA LEU B 202 -4.78 41.27 -20.61
C LEU B 202 -4.25 42.58 -20.05
N SER B 203 -3.87 43.49 -20.95
CA SER B 203 -3.41 44.81 -20.52
C SER B 203 -4.55 45.61 -19.90
N SER B 204 -5.70 45.64 -20.56
CA SER B 204 -6.85 46.35 -20.02
C SER B 204 -7.78 45.37 -19.31
N PRO B 205 -8.18 45.65 -18.07
CA PRO B 205 -9.08 44.73 -17.36
C PRO B 205 -10.46 44.66 -17.99
N VAL B 206 -10.80 43.51 -18.57
CA VAL B 206 -12.10 43.33 -19.21
C VAL B 206 -13.14 43.06 -18.15
N THR B 207 -14.33 43.63 -18.34
CA THR B 207 -15.44 43.47 -17.39
C THR B 207 -16.75 43.38 -18.15
N LYS B 208 -17.47 42.28 -17.94
CA LYS B 208 -18.78 42.07 -18.54
C LYS B 208 -19.83 41.97 -17.44
N SER B 209 -21.05 42.38 -17.77
CA SER B 209 -22.14 42.38 -16.80
C SER B 209 -23.46 42.23 -17.56
N PHE B 210 -24.56 42.37 -16.83
CA PHE B 210 -25.90 42.26 -17.39
C PHE B 210 -26.87 42.90 -16.40
N ASN B 211 -28.17 42.77 -16.69
CA ASN B 211 -29.20 43.31 -15.82
C ASN B 211 -30.37 42.34 -15.69
N THR C 330 20.55 -53.66 38.23
CA THR C 330 22.00 -53.80 38.15
C THR C 330 22.61 -52.72 37.25
N ASN C 331 23.11 -51.65 37.88
CA ASN C 331 23.72 -50.51 37.20
C ASN C 331 22.93 -50.10 35.95
N LEU C 332 21.68 -49.72 36.19
CA LEU C 332 20.80 -49.34 35.09
C LEU C 332 21.28 -48.06 34.40
N CYS C 333 20.83 -47.88 33.17
CA CYS C 333 21.20 -46.70 32.41
C CYS C 333 20.51 -45.45 32.98
N PRO C 334 21.18 -44.31 32.97
CA PRO C 334 20.55 -43.08 33.47
C PRO C 334 19.52 -42.52 32.49
N PHE C 335 18.24 -42.69 32.84
CA PHE C 335 17.14 -42.17 32.02
C PHE C 335 16.14 -41.38 32.85
N ASP C 336 16.44 -41.15 34.13
CA ASP C 336 15.51 -40.42 34.99
C ASP C 336 15.61 -38.92 34.75
N GLU C 337 16.83 -38.39 34.70
CA GLU C 337 16.99 -36.96 34.48
C GLU C 337 16.75 -36.57 33.02
N VAL C 338 16.76 -37.55 32.10
CA VAL C 338 16.50 -37.26 30.70
C VAL C 338 15.01 -37.14 30.42
N PHE C 339 14.20 -38.05 30.96
CA PHE C 339 12.77 -38.05 30.73
C PHE C 339 11.97 -37.31 31.79
N ASN C 340 12.58 -36.93 32.90
CA ASN C 340 11.90 -36.25 33.99
C ASN C 340 12.68 -35.04 34.46
N ALA C 341 13.17 -34.24 33.51
CA ALA C 341 13.91 -33.03 33.84
C ALA C 341 12.94 -31.91 34.22
N THR C 342 13.50 -30.85 34.81
CA THR C 342 12.67 -29.71 35.22
C THR C 342 12.31 -28.85 34.02
N ARG C 343 13.29 -28.48 33.20
CA ARG C 343 13.06 -27.66 32.02
C ARG C 343 13.91 -28.17 30.87
N PHE C 344 13.33 -28.20 29.68
CA PHE C 344 14.03 -28.62 28.48
C PHE C 344 14.65 -27.40 27.80
N ALA C 345 15.15 -27.58 26.58
CA ALA C 345 15.76 -26.52 25.80
C ALA C 345 14.95 -26.28 24.53
N SER C 346 15.40 -25.31 23.73
CA SER C 346 14.74 -24.98 22.48
C SER C 346 15.12 -26.00 21.40
N VAL C 347 14.66 -25.75 20.18
CA VAL C 347 14.93 -26.67 19.08
C VAL C 347 16.24 -26.34 18.36
N TYR C 348 16.66 -25.07 18.38
CA TYR C 348 17.91 -24.71 17.73
C TYR C 348 19.12 -24.92 18.63
N ALA C 349 18.90 -25.18 19.92
CA ALA C 349 19.99 -25.42 20.86
C ALA C 349 19.75 -26.71 21.64
N TRP C 350 19.39 -27.78 20.93
CA TRP C 350 19.10 -29.05 21.57
C TRP C 350 20.35 -29.62 22.24
N ASN C 351 20.12 -30.41 23.29
CA ASN C 351 21.19 -31.04 24.05
C ASN C 351 21.53 -32.40 23.47
N ARG C 352 22.70 -32.91 23.84
CA ARG C 352 23.18 -34.19 23.35
C ARG C 352 23.98 -34.86 24.46
N LYS C 353 23.45 -35.97 24.98
CA LYS C 353 24.07 -36.71 26.06
C LYS C 353 24.43 -38.11 25.57
N ARG C 354 25.66 -38.54 25.84
CA ARG C 354 26.16 -39.82 25.39
C ARG C 354 26.05 -40.82 26.54
N ILE C 355 25.22 -41.84 26.35
CA ILE C 355 25.02 -42.87 27.35
C ILE C 355 25.87 -44.09 27.00
N SER C 356 26.63 -44.57 27.99
CA SER C 356 27.51 -45.72 27.77
C SER C 356 27.75 -46.44 29.08
N ASN C 357 28.21 -47.68 28.97
CA ASN C 357 28.57 -48.52 30.11
C ASN C 357 27.39 -48.74 31.05
N CYS C 358 26.34 -49.33 30.50
CA CYS C 358 25.14 -49.66 31.25
C CYS C 358 24.29 -50.61 30.44
N VAL C 359 23.28 -51.19 31.09
CA VAL C 359 22.41 -52.19 30.47
C VAL C 359 21.12 -51.51 30.01
N ALA C 360 20.79 -51.70 28.74
CA ALA C 360 19.58 -51.14 28.14
C ALA C 360 18.37 -51.83 28.75
N ASP C 361 17.66 -51.10 29.62
CA ASP C 361 16.56 -51.67 30.39
C ASP C 361 15.27 -50.92 30.12
N TYR C 362 14.89 -50.74 28.86
CA TYR C 362 13.76 -49.89 28.54
C TYR C 362 12.44 -50.54 28.95
N SER C 363 12.18 -50.57 30.26
CA SER C 363 10.90 -51.01 30.79
C SER C 363 10.50 -50.18 31.99
N VAL C 364 11.31 -49.16 32.31
CA VAL C 364 11.14 -48.37 33.52
C VAL C 364 10.90 -46.91 33.17
N LEU C 365 10.34 -46.67 32.00
CA LEU C 365 10.00 -45.32 31.54
C LEU C 365 8.71 -44.81 32.15
N TYR C 366 8.20 -45.46 33.21
CA TYR C 366 6.91 -45.18 33.84
C TYR C 366 5.82 -44.97 32.81
N ASN C 367 5.92 -45.64 31.68
CA ASN C 367 4.91 -45.69 30.63
C ASN C 367 4.66 -44.32 30.00
N LEU C 368 5.40 -43.32 30.49
CA LEU C 368 5.28 -41.94 30.00
C LEU C 368 3.82 -41.53 29.92
N ALA C 369 3.17 -41.41 31.08
CA ALA C 369 1.72 -41.33 31.29
C ALA C 369 0.94 -40.60 30.20
N PRO C 370 1.38 -39.44 29.69
CA PRO C 370 0.59 -38.78 28.63
C PRO C 370 0.65 -39.48 27.28
N PHE C 371 0.49 -40.81 27.28
CA PHE C 371 0.31 -41.60 26.06
C PHE C 371 1.39 -41.32 25.02
N PHE C 372 2.63 -41.65 25.33
CA PHE C 372 3.77 -41.39 24.45
C PHE C 372 3.66 -42.26 23.21
N THR C 373 4.06 -41.70 22.06
CA THR C 373 4.10 -42.48 20.84
C THR C 373 5.44 -43.22 20.73
N PHE C 374 5.54 -44.08 19.73
CA PHE C 374 6.71 -44.93 19.58
C PHE C 374 6.85 -45.36 18.12
N LYS C 375 7.91 -44.91 17.47
CA LYS C 375 8.19 -45.23 16.08
C LYS C 375 9.68 -45.46 15.91
N CYS C 376 10.05 -46.64 15.41
CA CYS C 376 11.44 -47.00 15.16
C CYS C 376 11.61 -47.31 13.68
N TYR C 377 12.74 -46.89 13.10
CA TYR C 377 12.96 -47.07 11.68
C TYR C 377 13.99 -48.16 11.38
N GLY C 378 15.17 -48.05 11.97
CA GLY C 378 16.23 -49.00 11.70
C GLY C 378 16.38 -50.09 12.72
N VAL C 379 15.35 -50.32 13.53
CA VAL C 379 15.37 -51.35 14.56
C VAL C 379 13.96 -51.84 14.81
N SER C 380 13.81 -53.02 15.39
CA SER C 380 12.52 -53.60 15.66
C SER C 380 12.18 -53.50 17.14
N PRO C 381 10.98 -53.04 17.49
CA PRO C 381 10.62 -52.94 18.92
C PRO C 381 10.53 -54.29 19.61
N THR C 382 10.13 -55.33 18.89
CA THR C 382 9.95 -56.66 19.48
C THR C 382 11.27 -57.21 20.01
N LYS C 383 12.24 -57.43 19.11
CA LYS C 383 13.52 -57.99 19.50
C LYS C 383 14.64 -56.99 19.25
N LEU C 384 14.99 -56.20 20.28
CA LEU C 384 16.06 -55.22 20.16
C LEU C 384 16.99 -55.30 21.36
N ASN C 385 16.57 -56.00 22.41
CA ASN C 385 17.39 -56.15 23.60
C ASN C 385 18.48 -57.19 23.44
N ASP C 386 18.56 -57.86 22.28
CA ASP C 386 19.57 -58.87 22.01
C ASP C 386 20.72 -58.32 21.18
N LEU C 387 20.88 -56.99 21.14
CA LEU C 387 21.94 -56.35 20.38
C LEU C 387 22.75 -55.45 21.30
N CYS C 388 24.08 -55.57 21.23
CA CYS C 388 25.00 -54.77 22.03
C CYS C 388 25.54 -53.64 21.16
N PHE C 389 25.27 -52.41 21.55
CA PHE C 389 25.75 -51.23 20.84
C PHE C 389 26.90 -50.58 21.60
N THR C 390 27.71 -49.82 20.89
CA THR C 390 28.85 -49.16 21.52
C THR C 390 28.40 -47.93 22.30
N ASN C 391 27.82 -46.95 21.61
CA ASN C 391 27.37 -45.71 22.22
C ASN C 391 25.95 -45.39 21.77
N VAL C 392 25.17 -44.80 22.67
CA VAL C 392 23.80 -44.39 22.40
C VAL C 392 23.67 -42.92 22.73
N TYR C 393 23.33 -42.12 21.72
CA TYR C 393 23.13 -40.69 21.89
C TYR C 393 21.68 -40.38 22.16
N ALA C 394 21.43 -39.28 22.88
CA ALA C 394 20.09 -38.86 23.25
C ALA C 394 19.96 -37.36 23.03
N ASP C 395 18.95 -36.97 22.27
CA ASP C 395 18.65 -35.56 22.00
C ASP C 395 17.26 -35.23 22.57
N SER C 396 17.09 -33.98 22.98
CA SER C 396 15.84 -33.55 23.60
C SER C 396 15.52 -32.12 23.22
N PHE C 397 14.26 -31.87 22.88
CA PHE C 397 13.78 -30.53 22.56
C PHE C 397 12.27 -30.51 22.70
N VAL C 398 11.67 -29.35 22.44
CA VAL C 398 10.23 -29.14 22.58
C VAL C 398 9.72 -28.47 21.31
N ILE C 399 8.79 -29.11 20.62
CA ILE C 399 8.21 -28.56 19.40
C ILE C 399 6.68 -28.54 19.55
N ARG C 400 6.00 -28.07 18.52
CA ARG C 400 4.55 -27.97 18.53
C ARG C 400 3.93 -29.32 18.16
N GLY C 401 2.60 -29.36 18.08
CA GLY C 401 1.89 -30.58 17.83
C GLY C 401 1.78 -30.96 16.36
N ASP C 402 1.59 -29.97 15.50
CA ASP C 402 1.41 -30.23 14.07
C ASP C 402 2.75 -30.23 13.34
N GLU C 403 3.84 -30.48 14.06
CA GLU C 403 5.16 -30.54 13.44
C GLU C 403 5.97 -31.74 13.92
N VAL C 404 5.33 -32.72 14.55
CA VAL C 404 6.03 -33.93 14.98
C VAL C 404 6.31 -34.87 13.82
N ARG C 405 5.61 -34.71 12.69
CA ARG C 405 5.80 -35.55 11.52
C ARG C 405 7.03 -35.18 10.71
N GLN C 406 7.72 -34.11 11.08
CA GLN C 406 8.94 -33.71 10.37
C GLN C 406 10.18 -34.39 10.90
N ILE C 407 10.10 -35.09 12.03
CA ILE C 407 11.24 -35.83 12.56
C ILE C 407 11.21 -37.24 11.97
N ALA C 408 11.74 -37.38 10.76
CA ALA C 408 11.74 -38.66 10.06
C ALA C 408 12.65 -38.52 8.85
N PRO C 409 13.22 -39.63 8.37
CA PRO C 409 14.08 -39.56 7.19
C PRO C 409 13.29 -39.12 5.96
N GLY C 410 13.85 -38.14 5.25
CA GLY C 410 13.20 -37.61 4.06
C GLY C 410 11.96 -36.79 4.35
N GLN C 411 12.14 -35.64 5.00
CA GLN C 411 11.03 -34.76 5.32
C GLN C 411 11.47 -33.32 5.10
N THR C 412 10.58 -32.50 4.54
CA THR C 412 10.84 -31.10 4.26
C THR C 412 9.96 -30.21 5.13
N GLY C 413 10.40 -28.98 5.29
CA GLY C 413 9.68 -28.01 6.10
C GLY C 413 10.62 -26.94 6.64
N ASN C 414 10.30 -26.45 7.83
CA ASN C 414 11.11 -25.45 8.51
C ASN C 414 11.84 -26.00 9.73
N ILE C 415 11.29 -27.03 10.38
CA ILE C 415 11.92 -27.63 11.54
C ILE C 415 12.64 -28.90 11.10
N ALA C 416 12.69 -29.12 9.79
CA ALA C 416 13.35 -30.29 9.23
C ALA C 416 14.46 -29.87 8.27
N ASP C 417 14.62 -28.55 8.09
CA ASP C 417 15.65 -28.01 7.22
C ASP C 417 16.48 -26.92 7.85
N TYR C 418 16.03 -26.32 8.96
CA TYR C 418 16.74 -25.21 9.58
C TYR C 418 17.03 -25.45 11.06
N ASN C 419 16.46 -26.49 11.67
CA ASN C 419 16.64 -26.70 13.10
C ASN C 419 17.19 -28.09 13.43
N TYR C 420 16.72 -29.12 12.74
CA TYR C 420 17.08 -30.49 13.09
C TYR C 420 16.74 -31.38 11.90
N LYS C 421 17.71 -32.17 11.45
CA LYS C 421 17.52 -33.04 10.30
C LYS C 421 18.21 -34.38 10.55
N LEU C 422 17.53 -35.48 10.15
CA LEU C 422 18.02 -36.84 10.26
C LEU C 422 18.53 -37.35 8.92
N PRO C 423 19.53 -38.24 8.92
CA PRO C 423 20.06 -38.75 7.65
C PRO C 423 19.10 -39.69 6.94
N ASP C 424 19.52 -40.21 5.78
CA ASP C 424 18.66 -41.08 5.00
C ASP C 424 18.61 -42.49 5.56
N ASP C 425 19.70 -42.97 6.16
CA ASP C 425 19.76 -44.29 6.77
C ASP C 425 19.97 -44.10 8.28
N PHE C 426 18.87 -43.95 9.01
CA PHE C 426 18.90 -43.70 10.44
C PHE C 426 18.45 -44.93 11.20
N THR C 427 19.18 -45.29 12.24
CA THR C 427 18.85 -46.44 13.08
C THR C 427 18.55 -45.91 14.49
N GLY C 428 17.29 -46.01 14.89
CA GLY C 428 16.89 -45.54 16.20
C GLY C 428 15.37 -45.43 16.28
N CYS C 429 14.93 -44.70 17.30
CA CYS C 429 13.50 -44.52 17.55
C CYS C 429 13.24 -43.06 17.92
N VAL C 430 11.98 -42.64 17.73
CA VAL C 430 11.54 -41.28 18.03
C VAL C 430 10.39 -41.38 19.00
N ILE C 431 10.51 -40.69 20.13
CA ILE C 431 9.51 -40.70 21.20
C ILE C 431 8.95 -39.30 21.38
N ALA C 432 7.66 -39.21 21.65
CA ALA C 432 7.00 -37.92 21.86
C ALA C 432 5.75 -38.12 22.69
N TRP C 433 5.49 -37.19 23.61
CA TRP C 433 4.30 -37.23 24.44
C TRP C 433 3.86 -35.80 24.73
N ASN C 434 2.63 -35.67 25.21
CA ASN C 434 2.04 -34.36 25.45
C ASN C 434 2.59 -33.75 26.73
N SER C 435 2.83 -32.44 26.70
CA SER C 435 3.31 -31.68 27.84
C SER C 435 2.57 -30.37 27.98
N ASN C 436 1.24 -30.41 27.80
CA ASN C 436 0.40 -29.22 27.87
C ASN C 436 0.13 -28.78 29.31
N LYS C 437 0.52 -29.59 30.30
CA LYS C 437 0.31 -29.27 31.70
C LYS C 437 1.53 -28.66 32.37
N LEU C 438 2.65 -28.56 31.67
CA LEU C 438 3.86 -27.98 32.23
C LEU C 438 4.36 -26.78 31.43
N ASP C 439 4.33 -26.84 30.11
CA ASP C 439 4.81 -25.76 29.26
C ASP C 439 3.67 -24.80 28.89
N SER C 440 2.99 -24.30 29.93
CA SER C 440 1.91 -23.35 29.75
C SER C 440 1.62 -22.64 31.08
N LYS C 441 1.38 -21.34 31.01
CA LYS C 441 1.17 -20.55 32.22
C LYS C 441 -0.03 -19.63 31.98
N VAL C 442 -0.23 -18.69 32.89
CA VAL C 442 -1.41 -17.81 32.86
C VAL C 442 -1.30 -16.81 31.72
N SER C 443 -2.07 -17.03 30.66
CA SER C 443 -2.23 -16.08 29.56
C SER C 443 -0.90 -15.72 28.91
N GLY C 444 -0.22 -16.71 28.32
CA GLY C 444 0.97 -16.43 27.54
C GLY C 444 2.26 -16.91 28.17
N ASN C 445 3.02 -17.73 27.43
CA ASN C 445 4.31 -18.23 27.86
C ASN C 445 5.29 -18.09 26.70
N TYR C 446 6.34 -17.28 26.89
CA TYR C 446 7.31 -16.98 25.85
C TYR C 446 8.71 -17.33 26.33
N ASN C 447 9.11 -18.60 26.12
CA ASN C 447 10.50 -18.96 26.42
C ASN C 447 11.04 -20.02 25.47
N TYR C 448 10.43 -20.24 24.31
CA TYR C 448 10.90 -21.22 23.33
C TYR C 448 10.99 -20.54 21.98
N LEU C 449 12.12 -20.72 21.30
CA LEU C 449 12.38 -20.08 20.03
C LEU C 449 12.66 -21.14 18.96
N TYR C 450 12.69 -20.70 17.70
CA TYR C 450 13.02 -21.57 16.58
C TYR C 450 13.43 -20.70 15.40
N ARG C 451 14.38 -21.20 14.61
CA ARG C 451 14.92 -20.43 13.50
C ARG C 451 13.95 -20.42 12.32
N LEU C 452 13.83 -19.25 11.69
CA LEU C 452 12.92 -19.04 10.58
C LEU C 452 13.62 -18.74 9.26
N PHE C 453 14.71 -17.98 9.28
CA PHE C 453 15.46 -17.62 8.09
C PHE C 453 16.87 -18.17 8.17
N ARG C 454 17.38 -18.66 7.04
CA ARG C 454 18.75 -19.13 6.95
C ARG C 454 19.17 -19.13 5.50
N LYS C 455 20.49 -19.18 5.28
CA LYS C 455 21.02 -19.13 3.92
C LYS C 455 20.77 -20.44 3.17
N SER C 456 21.26 -21.55 3.71
CA SER C 456 21.14 -22.86 3.08
C SER C 456 20.57 -23.85 4.08
N ASN C 457 20.33 -25.07 3.60
CA ASN C 457 19.77 -26.12 4.45
C ASN C 457 20.85 -26.74 5.32
N LEU C 458 20.41 -27.35 6.42
CA LEU C 458 21.32 -27.97 7.38
C LEU C 458 21.65 -29.39 6.96
N LYS C 459 22.93 -29.75 7.09
CA LYS C 459 23.34 -31.12 6.94
C LYS C 459 22.90 -31.92 8.17
N PRO C 460 22.78 -33.25 8.05
CA PRO C 460 22.32 -34.05 9.19
C PRO C 460 23.21 -33.87 10.41
N PHE C 461 22.57 -33.76 11.58
CA PHE C 461 23.25 -33.62 12.86
C PHE C 461 24.14 -32.39 12.90
N GLU C 462 23.56 -31.21 12.78
CA GLU C 462 24.30 -29.95 12.91
C GLU C 462 23.48 -28.99 13.76
N ARG C 463 24.16 -28.27 14.64
CA ARG C 463 23.53 -27.32 15.55
C ARG C 463 24.16 -25.95 15.35
N ASP C 464 23.30 -24.93 15.22
CA ASP C 464 23.75 -23.55 14.99
C ASP C 464 23.10 -22.66 16.04
N ILE C 465 23.92 -21.84 16.72
CA ILE C 465 23.44 -20.94 17.76
C ILE C 465 23.82 -19.52 17.43
N SER C 466 23.94 -19.21 16.14
CA SER C 466 24.31 -17.87 15.69
C SER C 466 23.10 -16.95 15.76
N THR C 467 23.32 -15.73 16.26
CA THR C 467 22.24 -14.75 16.38
C THR C 467 22.53 -13.50 15.57
N GLU C 468 23.01 -13.68 14.35
CA GLU C 468 23.30 -12.57 13.45
C GLU C 468 22.06 -12.18 12.67
N ILE C 469 22.21 -11.15 11.85
CA ILE C 469 21.12 -10.63 11.03
C ILE C 469 21.17 -11.28 9.66
N TYR C 470 20.00 -11.39 9.03
CA TYR C 470 19.85 -12.05 7.74
C TYR C 470 19.58 -11.02 6.65
N GLN C 471 20.33 -11.08 5.57
CA GLN C 471 20.13 -10.20 4.42
C GLN C 471 19.26 -10.91 3.39
N ALA C 472 18.22 -10.24 2.93
CA ALA C 472 17.30 -10.78 1.93
C ALA C 472 17.34 -9.97 0.64
N GLY C 473 18.43 -9.24 0.40
CA GLY C 473 18.55 -8.43 -0.80
C GLY C 473 19.96 -8.40 -1.35
N ASN C 474 20.44 -7.20 -1.68
CA ASN C 474 21.79 -7.05 -2.21
C ASN C 474 22.55 -5.90 -1.57
N LYS C 475 22.07 -5.39 -0.44
CA LYS C 475 22.71 -4.29 0.28
C LYS C 475 23.13 -4.74 1.66
N PRO C 476 24.21 -4.20 2.21
CA PRO C 476 24.66 -4.61 3.54
C PRO C 476 23.67 -4.17 4.61
N CYS C 477 23.61 -4.95 5.69
CA CYS C 477 22.69 -4.67 6.79
C CYS C 477 23.28 -3.71 7.82
N ASN C 478 24.59 -3.82 8.07
CA ASN C 478 25.29 -2.97 9.04
C ASN C 478 24.72 -3.14 10.45
N GLY C 479 24.21 -4.34 10.72
CA GLY C 479 23.75 -4.68 12.06
C GLY C 479 22.59 -3.85 12.58
N VAL C 480 21.53 -3.73 11.80
CA VAL C 480 20.33 -3.00 12.22
C VAL C 480 19.15 -3.50 11.41
N ALA C 481 18.04 -3.80 12.08
CA ALA C 481 16.85 -4.30 11.42
C ALA C 481 16.25 -3.20 10.55
N GLY C 482 15.76 -3.58 9.38
CA GLY C 482 15.21 -2.63 8.44
C GLY C 482 14.30 -3.23 7.40
N PHE C 483 14.41 -2.78 6.16
CA PHE C 483 13.54 -3.24 5.09
C PHE C 483 13.89 -4.67 4.65
N ASN C 484 15.11 -4.87 4.17
CA ASN C 484 15.55 -6.17 3.69
C ASN C 484 16.49 -6.88 4.65
N CYS C 485 16.44 -6.53 5.94
CA CYS C 485 17.26 -7.17 6.96
C CYS C 485 16.36 -7.49 8.15
N TYR C 486 16.18 -8.78 8.43
CA TYR C 486 15.30 -9.24 9.49
C TYR C 486 16.09 -9.97 10.57
N PHE C 487 15.37 -10.46 11.59
CA PHE C 487 15.87 -11.27 12.70
C PHE C 487 15.40 -12.71 12.55
N PRO C 488 16.31 -13.67 12.72
CA PRO C 488 15.99 -15.08 12.41
C PRO C 488 15.36 -15.88 13.54
N LEU C 489 14.87 -15.25 14.60
CA LEU C 489 14.31 -15.98 15.73
C LEU C 489 13.00 -15.35 16.16
N ARG C 490 12.02 -16.19 16.47
CA ARG C 490 10.73 -15.75 17.00
C ARG C 490 10.24 -16.72 18.06
N SER C 491 9.22 -16.31 18.79
CA SER C 491 8.72 -17.07 19.93
C SER C 491 7.68 -18.09 19.48
N TYR C 492 7.01 -18.73 20.44
CA TYR C 492 6.01 -19.75 20.16
C TYR C 492 4.62 -19.42 20.70
N SER C 493 4.50 -18.64 21.77
CA SER C 493 3.21 -18.25 22.33
C SER C 493 2.38 -19.46 22.74
N PHE C 494 2.89 -20.22 23.71
CA PHE C 494 2.15 -21.36 24.23
C PHE C 494 1.13 -20.89 25.27
N ARG C 495 -0.11 -21.32 25.11
CA ARG C 495 -1.20 -20.94 26.00
C ARG C 495 -1.98 -22.19 26.35
N PRO C 496 -2.57 -22.23 27.56
CA PRO C 496 -3.35 -23.42 27.96
C PRO C 496 -4.57 -23.65 27.07
N THR C 497 -5.41 -22.63 26.92
CA THR C 497 -6.60 -22.76 26.09
C THR C 497 -6.23 -22.67 24.63
N TYR C 498 -6.27 -23.81 23.94
CA TYR C 498 -5.92 -23.88 22.52
C TYR C 498 -6.49 -25.13 21.89
N GLY C 499 -6.06 -25.44 20.67
CA GLY C 499 -6.47 -26.65 19.99
C GLY C 499 -5.56 -27.83 20.32
N VAL C 500 -5.81 -28.93 19.62
CA VAL C 500 -5.03 -30.16 19.81
C VAL C 500 -3.87 -30.17 18.84
N GLY C 501 -3.66 -29.05 18.15
CA GLY C 501 -2.58 -28.95 17.19
C GLY C 501 -1.61 -27.82 17.48
N HIS C 502 -1.73 -27.23 18.67
CA HIS C 502 -0.84 -26.16 19.08
C HIS C 502 -0.23 -26.38 20.47
N GLN C 503 -0.59 -27.47 21.15
CA GLN C 503 -0.03 -27.78 22.45
C GLN C 503 1.40 -28.30 22.29
N PRO C 504 2.28 -28.02 23.25
CA PRO C 504 3.68 -28.43 23.12
C PRO C 504 3.84 -29.93 23.30
N TYR C 505 4.79 -30.50 22.56
CA TYR C 505 5.13 -31.91 22.65
C TYR C 505 6.64 -32.06 22.77
N ARG C 506 7.08 -32.77 23.81
CA ARG C 506 8.50 -33.02 24.02
C ARG C 506 8.93 -34.23 23.21
N VAL C 507 10.03 -34.10 22.49
CA VAL C 507 10.53 -35.14 21.59
C VAL C 507 11.93 -35.56 22.03
N VAL C 508 12.15 -36.86 22.12
CA VAL C 508 13.45 -37.43 22.44
C VAL C 508 13.83 -38.40 21.34
N VAL C 509 15.01 -38.23 20.76
CA VAL C 509 15.49 -39.04 19.65
C VAL C 509 16.69 -39.85 20.12
N LEU C 510 16.64 -41.16 19.90
CA LEU C 510 17.73 -42.06 20.24
C LEU C 510 18.38 -42.59 18.97
N SER C 511 19.70 -42.64 18.97
CA SER C 511 20.48 -43.14 17.84
C SER C 511 21.44 -44.21 18.32
N PHE C 512 21.43 -45.36 17.64
CA PHE C 512 22.30 -46.47 18.01
C PHE C 512 23.55 -46.48 17.15
N GLU C 513 24.68 -46.80 17.78
CA GLU C 513 25.97 -46.80 17.10
C GLU C 513 26.67 -48.13 17.37
N LEU C 514 27.28 -48.70 16.32
CA LEU C 514 27.94 -49.99 16.42
C LEU C 514 29.14 -49.99 15.48
N LEU C 515 30.34 -50.03 16.04
CA LEU C 515 31.57 -50.09 15.25
C LEU C 515 32.53 -51.08 15.94
N HIS C 516 33.76 -51.12 15.44
CA HIS C 516 34.76 -52.08 15.92
C HIS C 516 35.33 -51.63 17.28
N ALA C 517 34.50 -51.79 18.30
CA ALA C 517 34.84 -51.39 19.67
C ALA C 517 34.34 -52.45 20.64
N PRO C 518 34.92 -52.52 21.85
CA PRO C 518 34.40 -53.45 22.85
C PRO C 518 33.06 -52.99 23.39
N ALA C 519 31.99 -53.27 22.65
CA ALA C 519 30.66 -52.79 23.01
C ALA C 519 30.24 -53.35 24.37
N THR C 520 29.74 -52.45 25.22
CA THR C 520 29.30 -52.83 26.56
C THR C 520 27.84 -52.51 26.84
N VAL C 521 27.17 -51.73 25.99
CA VAL C 521 25.77 -51.38 26.20
C VAL C 521 24.91 -52.47 25.57
N CYS C 522 24.43 -53.40 26.40
CA CYS C 522 23.57 -54.46 25.94
C CYS C 522 22.21 -54.36 26.63
N GLY C 523 21.34 -55.34 26.40
CA GLY C 523 20.03 -55.36 27.01
C GLY C 523 20.04 -56.05 28.36
N PRO C 524 18.85 -56.42 28.85
CA PRO C 524 18.79 -57.12 30.15
C PRO C 524 19.50 -58.47 30.13
N LYS C 525 19.39 -59.22 29.03
CA LYS C 525 20.06 -60.50 28.87
C LYS C 525 19.71 -61.49 29.98
#